data_2BMQ
#
_entry.id   2BMQ
#
_cell.length_a   121.533
_cell.length_b   121.533
_cell.length_c   84.179
_cell.angle_alpha   90.00
_cell.angle_beta   90.00
_cell.angle_gamma   120.00
#
_symmetry.space_group_name_H-M   'P 63'
#
loop_
_entity.id
_entity.type
_entity.pdbx_description
1 polymer 'OXYGENASE-ALPHA NBDO'
2 polymer 'OXYGENASE-BETA NBDO'
3 non-polymer 'FE2/S2 (INORGANIC) CLUSTER'
4 non-polymer 'FE (III) ION'
5 non-polymer NITROBENZENE
6 non-polymer 1,2-ETHANEDIOL
7 non-polymer ETHANOL
8 non-polymer 'NICKEL (II) ION'
9 water water
#
loop_
_entity_poly.entity_id
_entity_poly.type
_entity_poly.pdbx_seq_one_letter_code
_entity_poly.pdbx_strand_id
1 'polypeptide(L)'
;MSYQNLVSEAGLTQKLLIHGDKELFQHELKTIFARNWLFLTHDSLIPSPGDYVKAKMGVDEVIVSRQNDGSVRAFLNVCR
HRGKTLVHAEAGNAKGFVCGYHGWGYGSNGELQSVPFEKELYGDAIKKKCLGLKEVPRIESFHGFIYGCFDAEAPPLIDY
LGDAAWYLEPTFKYSGGLELVGPPGKVVVKANWKSFAENFVGDGYHVGWTHAAALRAGQSVFSSIAGNAKLPPEGAGLQM
TSKYGSGMGVFWGYYSGNFSADMIPDLMAFGAAKQEKLAKEIGDVRARIYRSFLNGTIFPNNSFLTGSAAFRVWNPIDEN
TTEVWTYAFVEKDMPEDLKRRVADAVQRSIGPAGFWESDDNENMETMSQNGKKYQSSNIDQIASLGFGKDVYGDECYPGV
VGKSAIGETSYRGFYRAYQAHISSSNWAEFENASRNWHIEHTKTTDR
;
A
2 'polypeptide(L)'
;MMINTQEDKLVSAHDAEEFHRFFVGHDSDLQQEVTTLLTREAHLLDIQAYKAWLEHFVAPEIKYQVISRELRSTSERRYQ
LNDAVNLYNENYQQLKVRVEHQMDPQNWANNPKIRFTRFVTNVTAAKDKSAPEILHVRSNLILHRARRENQVDVFYATRE
DKWKRIEGGGIKLVERFVDYPERIPQTHNLLVFL
;
B
#
# COMPACT_ATOMS: atom_id res chain seq x y z
N TYR A 3 -2.67 27.79 -15.06
CA TYR A 3 -2.26 27.04 -13.83
C TYR A 3 -1.74 27.96 -12.71
N GLN A 4 -1.71 29.26 -12.98
CA GLN A 4 -1.02 30.24 -12.12
C GLN A 4 -1.60 30.48 -10.72
N ASN A 5 -2.92 30.39 -10.58
CA ASN A 5 -3.55 30.69 -9.31
C ASN A 5 -4.46 29.56 -8.81
N LEU A 6 -3.94 28.35 -8.87
CA LEU A 6 -4.67 27.19 -8.37
C LEU A 6 -4.48 27.02 -6.86
N VAL A 7 -3.36 27.53 -6.36
CA VAL A 7 -3.05 27.60 -4.93
C VAL A 7 -2.75 29.05 -4.57
N SER A 8 -3.30 29.53 -3.46
CA SER A 8 -3.12 30.92 -3.03
C SER A 8 -1.84 31.11 -2.22
N GLU A 9 -1.53 32.37 -1.88
CA GLU A 9 -0.34 32.72 -1.10
C GLU A 9 -0.27 31.91 0.19
N ALA A 10 0.95 31.52 0.57
CA ALA A 10 1.21 30.68 1.76
C ALA A 10 0.57 29.29 1.69
N GLY A 11 0.12 28.88 0.50
CA GLY A 11 -0.57 27.59 0.29
C GLY A 11 -1.87 27.47 1.06
N LEU A 12 -2.48 28.62 1.36
CA LEU A 12 -3.63 28.70 2.27
C LEU A 12 -4.90 28.05 1.73
N THR A 13 -5.14 28.22 0.43
CA THR A 13 -6.31 27.62 -0.21
C THR A 13 -5.93 26.95 -1.51
N GLN A 14 -6.74 25.97 -1.93
CA GLN A 14 -6.54 25.27 -3.19
C GLN A 14 -7.88 25.20 -3.90
N LYS A 15 -7.88 25.36 -5.22
CA LYS A 15 -9.09 25.13 -6.00
C LYS A 15 -9.43 23.64 -6.00
N LEU A 16 -10.66 23.30 -5.67
CA LEU A 16 -11.07 21.88 -5.66
C LEU A 16 -10.83 21.20 -7.02
N LEU A 17 -10.92 21.99 -8.10
CA LEU A 17 -10.68 21.50 -9.47
C LEU A 17 -9.36 20.74 -9.61
N ILE A 18 -8.37 21.05 -8.76
CA ILE A 18 -7.07 20.39 -8.92
C ILE A 18 -7.15 18.86 -8.78
N HIS A 19 -8.15 18.37 -8.03
CA HIS A 19 -8.35 16.93 -7.84
C HIS A 19 -9.17 16.24 -8.94
N GLY A 20 -9.61 17.00 -9.95
CA GLY A 20 -10.46 16.44 -10.99
C GLY A 20 -10.16 16.83 -12.43
N ASP A 21 -9.36 17.88 -12.62
CA ASP A 21 -9.14 18.44 -13.96
C ASP A 21 -8.22 17.55 -14.81
N LYS A 22 -8.71 17.13 -15.98
CA LYS A 22 -7.96 16.25 -16.86
C LYS A 22 -6.69 16.87 -17.45
N GLU A 23 -6.79 18.10 -17.94
CA GLU A 23 -5.65 18.79 -18.55
C GLU A 23 -4.55 19.08 -17.54
N LEU A 24 -4.94 19.39 -16.30
CA LEU A 24 -3.99 19.62 -15.24
C LEU A 24 -3.20 18.34 -14.93
N PHE A 25 -3.88 17.20 -14.98
CA PHE A 25 -3.20 15.91 -14.81
C PHE A 25 -2.10 15.75 -15.85
N GLN A 26 -2.42 16.02 -17.11
CA GLN A 26 -1.44 15.92 -18.19
C GLN A 26 -0.26 16.83 -17.89
N HIS A 27 -0.58 18.02 -17.39
CA HIS A 27 0.45 19.01 -17.05
C HIS A 27 1.33 18.55 -15.89
N GLU A 28 0.73 17.84 -14.93
CA GLU A 28 1.49 17.28 -13.82
C GLU A 28 2.51 16.25 -14.28
N LEU A 29 2.17 15.47 -15.31
CA LEU A 29 3.10 14.49 -15.84
C LEU A 29 4.34 15.19 -16.35
N LYS A 30 4.13 16.38 -16.93
CA LYS A 30 5.21 17.18 -17.52
C LYS A 30 6.03 17.94 -16.48
N THR A 31 5.41 18.37 -15.40
N THR A 31 5.43 18.28 -15.33
CA THR A 31 6.12 19.10 -14.38
CA THR A 31 5.99 19.25 -14.36
C THR A 31 6.44 18.16 -13.23
C THR A 31 6.14 18.79 -12.89
N ILE A 32 5.40 17.75 -12.50
CA ILE A 32 5.58 17.09 -11.21
C ILE A 32 6.35 15.76 -11.38
N PHE A 33 5.82 14.87 -12.21
CA PHE A 33 6.38 13.53 -12.30
C PHE A 33 7.62 13.44 -13.17
N ALA A 34 7.76 14.38 -14.09
CA ALA A 34 8.94 14.46 -14.96
C ALA A 34 10.18 15.04 -14.25
N ARG A 35 9.99 15.76 -13.14
CA ARG A 35 11.13 16.46 -12.54
C ARG A 35 11.45 16.16 -11.10
N ASN A 36 10.52 15.53 -10.38
CA ASN A 36 10.76 15.25 -8.96
C ASN A 36 11.24 13.84 -8.68
N TRP A 37 11.71 13.62 -7.45
CA TRP A 37 12.16 12.30 -7.00
C TRP A 37 10.98 11.43 -6.68
N LEU A 38 11.02 10.21 -7.21
CA LEU A 38 9.91 9.26 -7.10
C LEU A 38 10.39 7.95 -6.50
N PHE A 39 9.62 7.40 -5.56
CA PHE A 39 10.07 6.20 -4.84
C PHE A 39 10.06 4.98 -5.74
N LEU A 40 11.15 4.21 -5.71
CA LEU A 40 11.27 3.00 -6.51
C LEU A 40 11.15 1.73 -5.69
N THR A 41 12.11 1.49 -4.81
CA THR A 41 12.13 0.25 -4.03
C THR A 41 13.10 0.39 -2.87
N HIS A 42 13.28 -0.65 -2.08
CA HIS A 42 14.25 -0.67 -0.99
C HIS A 42 15.33 -1.69 -1.31
N ASP A 43 16.55 -1.45 -0.83
CA ASP A 43 17.61 -2.44 -0.99
C ASP A 43 17.13 -3.86 -0.68
N SER A 44 16.30 -3.99 0.35
CA SER A 44 15.89 -5.29 0.87
C SER A 44 14.97 -6.05 -0.09
N LEU A 45 14.44 -5.35 -1.09
CA LEU A 45 13.62 -6.03 -2.10
C LEU A 45 14.38 -6.43 -3.36
N ILE A 46 15.56 -5.83 -3.55
CA ILE A 46 16.48 -6.25 -4.62
C ILE A 46 17.89 -6.48 -4.02
N PRO A 47 17.98 -7.41 -3.05
CA PRO A 47 19.22 -7.53 -2.29
C PRO A 47 20.40 -8.19 -3.01
N SER A 48 20.16 -8.89 -4.11
CA SER A 48 21.22 -9.69 -4.76
C SER A 48 21.40 -9.30 -6.23
N PRO A 49 22.63 -9.44 -6.78
CA PRO A 49 22.83 -9.11 -8.19
C PRO A 49 21.84 -9.83 -9.09
N GLY A 50 21.23 -9.07 -9.99
CA GLY A 50 20.23 -9.63 -10.89
C GLY A 50 18.81 -9.44 -10.39
N ASP A 51 18.64 -9.17 -9.10
CA ASP A 51 17.28 -8.95 -8.57
C ASP A 51 16.70 -7.71 -9.22
N TYR A 52 15.42 -7.78 -9.54
CA TYR A 52 14.73 -6.61 -10.06
C TYR A 52 13.31 -6.52 -9.52
N VAL A 53 12.80 -5.30 -9.53
CA VAL A 53 11.37 -5.07 -9.34
C VAL A 53 10.88 -4.14 -10.43
N LYS A 54 9.58 -4.20 -10.70
N LYS A 54 9.61 -4.29 -10.80
CA LYS A 54 8.93 -3.33 -11.64
CA LYS A 54 8.98 -3.25 -11.58
C LYS A 54 8.19 -2.22 -10.87
C LYS A 54 8.49 -2.19 -10.63
N ALA A 55 8.58 -0.96 -11.08
CA ALA A 55 8.03 0.17 -10.33
C ALA A 55 7.37 1.13 -11.31
N LYS A 56 6.47 1.96 -10.79
N LYS A 56 6.46 1.95 -10.79
CA LYS A 56 5.92 3.05 -11.59
CA LYS A 56 5.94 3.07 -11.56
C LYS A 56 6.62 4.37 -11.24
C LYS A 56 6.79 4.30 -11.27
N MET A 57 6.85 5.20 -12.25
CA MET A 57 7.35 6.57 -12.04
C MET A 57 6.33 7.47 -12.75
N GLY A 58 5.41 8.05 -11.99
CA GLY A 58 4.22 8.62 -12.62
C GLY A 58 3.43 7.55 -13.33
N VAL A 59 3.11 7.76 -14.60
CA VAL A 59 2.34 6.78 -15.38
C VAL A 59 3.24 5.77 -16.11
N ASP A 60 4.55 6.04 -16.09
CA ASP A 60 5.51 5.18 -16.77
C ASP A 60 5.95 4.02 -15.88
N GLU A 61 6.43 2.95 -16.50
CA GLU A 61 6.91 1.81 -15.73
C GLU A 61 8.38 1.61 -15.97
N VAL A 62 9.10 1.33 -14.90
CA VAL A 62 10.54 1.08 -14.97
C VAL A 62 10.91 -0.26 -14.35
N ILE A 63 11.99 -0.83 -14.86
CA ILE A 63 12.61 -2.01 -14.29
C ILE A 63 13.77 -1.49 -13.45
N VAL A 64 13.77 -1.86 -12.17
CA VAL A 64 14.80 -1.40 -11.24
C VAL A 64 15.67 -2.59 -10.91
N SER A 65 16.96 -2.56 -11.31
CA SER A 65 17.78 -3.76 -11.30
C SER A 65 19.08 -3.64 -10.50
N ARG A 66 19.34 -4.62 -9.64
CA ARG A 66 20.61 -4.71 -8.93
C ARG A 66 21.70 -5.19 -9.90
N GLN A 67 22.68 -4.32 -10.12
CA GLN A 67 23.79 -4.61 -11.02
C GLN A 67 24.79 -5.59 -10.42
N ASN A 68 25.60 -6.18 -11.29
CA ASN A 68 26.64 -7.11 -10.81
C ASN A 68 27.65 -6.47 -9.86
N ASP A 69 27.88 -5.16 -10.00
CA ASP A 69 28.83 -4.45 -9.15
C ASP A 69 28.19 -3.90 -7.86
N GLY A 70 26.91 -4.24 -7.65
CA GLY A 70 26.22 -3.84 -6.42
C GLY A 70 25.42 -2.55 -6.50
N SER A 71 25.57 -1.80 -7.59
CA SER A 71 24.81 -0.58 -7.81
C SER A 71 23.41 -0.92 -8.32
N VAL A 72 22.60 0.11 -8.47
CA VAL A 72 21.21 0.00 -8.93
C VAL A 72 21.01 0.91 -10.14
N ARG A 73 20.43 0.39 -11.22
CA ARG A 73 20.06 1.21 -12.38
C ARG A 73 18.61 0.93 -12.68
N ALA A 74 17.94 1.88 -13.33
CA ALA A 74 16.53 1.67 -13.67
C ALA A 74 16.30 2.11 -15.10
N PHE A 75 15.40 1.42 -15.80
CA PHE A 75 15.15 1.69 -17.22
C PHE A 75 13.67 1.64 -17.54
N LEU A 76 13.23 2.49 -18.46
CA LEU A 76 11.85 2.39 -18.94
C LEU A 76 11.61 0.97 -19.47
N ASN A 77 10.45 0.41 -19.11
CA ASN A 77 10.11 -0.98 -19.41
C ASN A 77 9.54 -1.11 -20.85
N VAL A 78 10.36 -0.69 -21.82
CA VAL A 78 9.92 -0.53 -23.20
C VAL A 78 11.06 -0.96 -24.14
N CYS A 79 10.75 -1.87 -25.05
CA CYS A 79 11.74 -2.35 -26.02
C CYS A 79 12.08 -1.24 -27.03
N ARG A 80 13.37 -1.14 -27.39
CA ARG A 80 13.82 -0.09 -28.30
C ARG A 80 13.55 -0.39 -29.79
N HIS A 81 13.02 -1.58 -30.07
CA HIS A 81 12.70 -1.96 -31.44
C HIS A 81 11.33 -1.40 -31.87
N ARG A 82 10.24 -2.02 -31.40
CA ARG A 82 8.88 -1.56 -31.74
C ARG A 82 8.07 -1.09 -30.51
N GLY A 83 8.70 -1.04 -29.33
CA GLY A 83 8.04 -0.44 -28.16
C GLY A 83 7.15 -1.33 -27.31
N LYS A 84 7.26 -2.65 -27.49
CA LYS A 84 6.56 -3.60 -26.65
C LYS A 84 7.05 -3.46 -25.20
N THR A 85 6.16 -3.70 -24.23
CA THR A 85 6.61 -3.80 -22.84
C THR A 85 7.53 -4.99 -22.69
N LEU A 86 8.64 -4.79 -21.97
CA LEU A 86 9.69 -5.80 -21.93
C LEU A 86 9.48 -6.88 -20.86
N VAL A 87 9.17 -6.42 -19.65
CA VAL A 87 9.04 -7.31 -18.49
C VAL A 87 7.60 -7.30 -17.93
N HIS A 88 7.08 -8.49 -17.66
CA HIS A 88 5.71 -8.65 -17.14
C HIS A 88 5.64 -9.13 -15.69
N ALA A 89 6.71 -9.72 -15.18
CA ALA A 89 6.76 -10.08 -13.76
C ALA A 89 6.93 -8.82 -12.91
N GLU A 90 6.41 -8.83 -11.69
CA GLU A 90 6.53 -7.70 -10.79
C GLU A 90 7.88 -7.64 -10.08
N ALA A 91 8.53 -8.80 -9.97
CA ALA A 91 9.84 -8.91 -9.32
C ALA A 91 10.47 -10.21 -9.75
N GLY A 92 11.81 -10.29 -9.65
CA GLY A 92 12.47 -11.53 -9.99
C GLY A 92 13.96 -11.39 -9.93
N ASN A 93 14.63 -12.37 -10.53
CA ASN A 93 16.07 -12.34 -10.68
C ASN A 93 16.42 -12.76 -12.10
N ALA A 94 17.22 -11.93 -12.77
CA ALA A 94 17.59 -12.20 -14.15
C ALA A 94 18.82 -11.41 -14.51
N LYS A 95 19.69 -11.98 -15.33
CA LYS A 95 20.86 -11.24 -15.78
C LYS A 95 20.58 -10.52 -17.10
N GLY A 96 19.40 -10.76 -17.65
CA GLY A 96 18.99 -10.13 -18.90
C GLY A 96 17.49 -10.22 -19.06
N PHE A 97 16.98 -9.48 -20.03
CA PHE A 97 15.55 -9.40 -20.33
C PHE A 97 15.37 -9.54 -21.82
N VAL A 98 14.60 -10.53 -22.23
CA VAL A 98 14.37 -10.76 -23.65
C VAL A 98 12.97 -10.32 -24.02
N CYS A 99 12.88 -9.56 -25.11
CA CYS A 99 11.59 -9.12 -25.63
C CYS A 99 10.87 -10.24 -26.36
N GLY A 100 9.62 -10.46 -25.98
CA GLY A 100 8.85 -11.58 -26.49
C GLY A 100 8.35 -11.38 -27.92
N TYR A 101 8.53 -10.18 -28.46
CA TYR A 101 8.02 -9.87 -29.80
C TYR A 101 8.94 -10.44 -30.88
N HIS A 102 10.16 -9.91 -30.98
CA HIS A 102 11.12 -10.40 -31.97
C HIS A 102 12.37 -11.01 -31.39
N GLY A 103 12.53 -10.95 -30.07
CA GLY A 103 13.65 -11.64 -29.43
C GLY A 103 14.89 -10.84 -29.08
N TRP A 104 14.83 -9.52 -29.21
CA TRP A 104 15.96 -8.69 -28.76
C TRP A 104 16.25 -8.94 -27.29
N GLY A 105 17.52 -9.12 -26.98
CA GLY A 105 17.97 -9.41 -25.61
C GLY A 105 18.82 -8.31 -25.01
N TYR A 106 18.38 -7.81 -23.86
CA TYR A 106 19.08 -6.76 -23.12
C TYR A 106 19.70 -7.33 -21.87
N GLY A 107 20.81 -6.74 -21.45
CA GLY A 107 21.40 -7.09 -20.17
C GLY A 107 20.65 -6.42 -19.04
N SER A 108 20.91 -6.88 -17.82
CA SER A 108 20.36 -6.20 -16.64
C SER A 108 20.93 -4.76 -16.51
N ASN A 109 21.96 -4.43 -17.29
CA ASN A 109 22.50 -3.06 -17.37
C ASN A 109 21.89 -2.22 -18.49
N GLY A 110 20.82 -2.75 -19.09
CA GLY A 110 20.08 -2.04 -20.13
C GLY A 110 20.68 -2.14 -21.53
N GLU A 111 21.88 -2.67 -21.64
CA GLU A 111 22.52 -2.79 -22.96
C GLU A 111 21.84 -3.79 -23.88
N LEU A 112 21.70 -3.41 -25.15
CA LEU A 112 21.22 -4.33 -26.16
C LEU A 112 22.35 -5.30 -26.51
N GLN A 113 22.18 -6.56 -26.11
CA GLN A 113 23.24 -7.55 -26.23
C GLN A 113 23.07 -8.50 -27.41
N SER A 114 21.83 -8.90 -27.66
CA SER A 114 21.59 -9.87 -28.71
C SER A 114 20.42 -9.49 -29.57
N VAL A 115 20.61 -9.67 -30.87
CA VAL A 115 19.60 -9.33 -31.85
C VAL A 115 19.50 -10.52 -32.81
N PRO A 116 18.35 -11.23 -32.78
CA PRO A 116 18.19 -12.36 -33.70
C PRO A 116 18.34 -11.92 -35.15
N PHE A 117 19.04 -12.73 -35.93
CA PHE A 117 19.37 -12.44 -37.32
C PHE A 117 20.29 -11.22 -37.53
N GLU A 118 21.03 -10.84 -36.49
CA GLU A 118 21.93 -9.70 -36.62
C GLU A 118 22.91 -9.87 -37.78
N LYS A 119 23.60 -11.00 -37.80
CA LYS A 119 24.62 -11.27 -38.83
C LYS A 119 23.99 -11.40 -40.22
N GLU A 120 22.89 -12.15 -40.29
CA GLU A 120 22.26 -12.50 -41.57
C GLU A 120 21.51 -11.35 -42.22
N LEU A 121 20.85 -10.53 -41.41
CA LEU A 121 19.91 -9.55 -41.95
C LEU A 121 20.22 -8.08 -41.62
N TYR A 122 20.79 -7.84 -40.45
CA TYR A 122 21.10 -6.47 -40.05
C TYR A 122 22.47 -6.01 -40.57
N GLY A 123 23.51 -6.77 -40.28
CA GLY A 123 24.89 -6.34 -40.57
C GLY A 123 25.17 -5.00 -39.90
N ASP A 124 25.61 -4.02 -40.71
CA ASP A 124 25.91 -2.69 -40.21
C ASP A 124 24.71 -1.74 -40.19
N ALA A 125 23.52 -2.25 -40.53
CA ALA A 125 22.30 -1.47 -40.45
C ALA A 125 21.81 -1.32 -39.00
N ILE A 126 22.51 -1.97 -38.06
CA ILE A 126 22.20 -1.85 -36.63
C ILE A 126 23.42 -1.44 -35.81
N LYS A 127 23.23 -0.48 -34.91
CA LYS A 127 24.22 -0.15 -33.90
C LYS A 127 23.63 -0.37 -32.50
N LYS A 128 23.90 -1.54 -31.93
CA LYS A 128 23.37 -1.94 -30.63
C LYS A 128 23.70 -0.92 -29.52
N LYS A 129 24.85 -0.26 -29.63
CA LYS A 129 25.23 0.74 -28.63
C LYS A 129 24.24 1.91 -28.54
N CYS A 130 23.48 2.13 -29.61
CA CYS A 130 22.52 3.24 -29.70
C CYS A 130 21.10 2.83 -29.30
N LEU A 131 20.94 1.55 -28.97
CA LEU A 131 19.61 0.98 -28.77
C LEU A 131 19.43 0.35 -27.37
N GLY A 132 20.21 0.82 -26.39
CA GLY A 132 20.02 0.40 -25.02
C GLY A 132 18.70 0.91 -24.46
N LEU A 133 18.20 0.25 -23.42
CA LEU A 133 16.95 0.69 -22.81
C LEU A 133 17.06 2.13 -22.33
N LYS A 134 15.96 2.86 -22.38
CA LYS A 134 15.98 4.25 -21.93
C LYS A 134 16.16 4.32 -20.42
N GLU A 135 17.27 4.89 -19.99
CA GLU A 135 17.68 4.85 -18.58
C GLU A 135 17.15 6.03 -17.77
N VAL A 136 16.77 5.76 -16.53
CA VAL A 136 16.46 6.80 -15.57
C VAL A 136 17.82 7.42 -15.14
N PRO A 137 18.02 8.72 -15.41
CA PRO A 137 19.37 9.32 -15.26
C PRO A 137 19.80 9.57 -13.82
N ARG A 138 18.86 9.62 -12.88
CA ARG A 138 19.21 9.88 -11.48
C ARG A 138 18.63 8.82 -10.59
N ILE A 139 19.50 8.15 -9.84
CA ILE A 139 19.11 7.13 -8.88
C ILE A 139 19.91 7.39 -7.60
N GLU A 140 19.21 7.67 -6.50
CA GLU A 140 19.84 7.92 -5.21
C GLU A 140 19.04 7.25 -4.10
N SER A 141 19.68 7.00 -2.97
N SER A 141 19.67 7.06 -2.94
CA SER A 141 18.98 6.40 -1.84
CA SER A 141 19.12 6.29 -1.82
C SER A 141 19.08 7.23 -0.59
C SER A 141 19.22 7.03 -0.48
N PHE A 142 18.13 6.98 0.30
CA PHE A 142 18.12 7.53 1.65
C PHE A 142 18.00 6.33 2.59
N HIS A 143 19.12 5.88 3.15
CA HIS A 143 19.13 4.75 4.10
C HIS A 143 18.39 3.52 3.58
N GLY A 144 18.71 3.18 2.33
CA GLY A 144 18.21 1.96 1.70
C GLY A 144 17.00 2.19 0.81
N PHE A 145 16.34 3.34 0.98
CA PHE A 145 15.13 3.66 0.23
C PHE A 145 15.56 4.35 -1.05
N ILE A 146 15.30 3.69 -2.19
CA ILE A 146 15.82 4.10 -3.48
C ILE A 146 14.79 4.91 -4.28
N TYR A 147 15.21 6.08 -4.75
CA TYR A 147 14.37 7.01 -5.53
C TYR A 147 14.98 7.25 -6.91
N GLY A 148 14.13 7.57 -7.87
CA GLY A 148 14.56 7.86 -9.23
C GLY A 148 14.02 9.20 -9.66
N CYS A 149 14.68 9.79 -10.66
CA CYS A 149 14.23 11.07 -11.20
C CYS A 149 14.56 11.13 -12.68
N PHE A 150 13.56 11.53 -13.48
CA PHE A 150 13.75 11.69 -14.93
C PHE A 150 14.56 12.94 -15.31
N ASP A 151 14.67 13.89 -14.39
CA ASP A 151 15.33 15.16 -14.68
C ASP A 151 16.74 15.17 -14.10
N ALA A 152 17.73 15.14 -14.99
CA ALA A 152 19.14 15.16 -14.58
C ALA A 152 19.52 16.39 -13.75
N GLU A 153 18.73 17.47 -13.85
CA GLU A 153 19.00 18.74 -13.14
C GLU A 153 18.47 18.81 -11.71
N ALA A 154 17.86 17.73 -11.23
CA ALA A 154 17.25 17.72 -9.90
C ALA A 154 18.28 17.87 -8.79
N PRO A 155 17.88 18.46 -7.65
CA PRO A 155 18.83 18.49 -6.54
C PRO A 155 19.13 17.07 -6.04
N PRO A 156 20.29 16.86 -5.39
CA PRO A 156 20.53 15.57 -4.72
C PRO A 156 19.35 15.23 -3.80
N LEU A 157 19.02 13.93 -3.72
CA LEU A 157 17.89 13.47 -2.90
C LEU A 157 17.96 14.02 -1.47
N ILE A 158 19.14 14.00 -0.86
CA ILE A 158 19.26 14.47 0.51
C ILE A 158 18.88 15.96 0.65
N ASP A 159 19.30 16.77 -0.33
CA ASP A 159 18.93 18.19 -0.35
C ASP A 159 17.42 18.36 -0.56
N TYR A 160 16.87 17.54 -1.44
CA TYR A 160 15.44 17.56 -1.77
C TYR A 160 14.59 17.24 -0.53
N LEU A 161 15.09 16.37 0.35
CA LEU A 161 14.39 16.03 1.59
C LEU A 161 14.44 17.20 2.57
N GLY A 162 15.48 18.04 2.40
CA GLY A 162 15.55 19.30 3.13
C GLY A 162 15.40 19.07 4.62
N ASP A 163 14.61 19.92 5.27
CA ASP A 163 14.48 19.87 6.72
C ASP A 163 13.71 18.63 7.20
N ALA A 164 13.06 17.94 6.26
CA ALA A 164 12.33 16.71 6.62
C ALA A 164 13.26 15.56 7.05
N ALA A 165 14.48 15.55 6.50
CA ALA A 165 15.42 14.48 6.77
C ALA A 165 15.71 14.33 8.27
N TRP A 166 15.90 15.46 8.96
CA TRP A 166 16.15 15.44 10.40
C TRP A 166 15.09 14.67 11.19
N TYR A 167 13.82 14.84 10.80
CA TYR A 167 12.72 14.14 11.47
C TYR A 167 12.68 12.64 11.16
N LEU A 168 13.12 12.29 9.94
CA LEU A 168 13.16 10.89 9.52
C LEU A 168 14.30 10.09 10.12
N GLU A 169 15.40 10.76 10.46
CA GLU A 169 16.61 10.05 10.85
C GLU A 169 16.52 9.11 12.06
N PRO A 170 15.82 9.52 13.15
CA PRO A 170 15.74 8.57 14.27
C PRO A 170 15.27 7.16 13.87
N THR A 171 14.17 7.07 13.12
CA THR A 171 13.72 5.77 12.60
C THR A 171 14.54 5.24 11.41
N PHE A 172 14.85 6.09 10.45
CA PHE A 172 15.43 5.62 9.19
C PHE A 172 16.93 5.41 9.27
N LYS A 173 17.61 6.22 10.08
CA LYS A 173 19.07 6.20 10.15
C LYS A 173 19.64 5.57 11.44
N TYR A 174 19.12 5.98 12.58
CA TYR A 174 19.74 5.68 13.88
C TYR A 174 19.25 4.39 14.54
N SER A 175 18.19 3.80 14.00
CA SER A 175 17.58 2.60 14.59
C SER A 175 18.28 1.29 14.22
N GLY A 176 19.31 1.36 13.39
CA GLY A 176 20.05 0.16 13.02
C GLY A 176 19.67 -0.45 11.68
N GLY A 177 18.93 0.31 10.88
CA GLY A 177 18.51 -0.14 9.54
C GLY A 177 17.08 -0.63 9.49
N LEU A 178 16.36 -0.28 8.43
CA LEU A 178 15.01 -0.81 8.18
C LEU A 178 15.02 -1.79 7.01
N GLU A 179 14.00 -2.64 6.96
CA GLU A 179 13.73 -3.52 5.80
C GLU A 179 12.32 -3.20 5.32
N LEU A 180 12.14 -3.14 3.99
CA LEU A 180 10.79 -3.01 3.43
C LEU A 180 10.29 -4.41 3.18
N VAL A 181 9.09 -4.72 3.70
CA VAL A 181 8.53 -6.04 3.57
C VAL A 181 7.60 -6.07 2.37
N GLY A 182 7.93 -6.90 1.40
CA GLY A 182 7.10 -7.10 0.22
C GLY A 182 6.37 -8.43 0.29
N PRO A 183 5.49 -8.68 -0.67
CA PRO A 183 5.15 -7.69 -1.70
C PRO A 183 4.17 -6.66 -1.16
N PRO A 184 4.02 -5.52 -1.85
CA PRO A 184 3.05 -4.54 -1.37
C PRO A 184 1.63 -5.00 -1.68
N GLY A 185 0.69 -4.57 -0.84
CA GLY A 185 -0.72 -4.55 -1.23
C GLY A 185 -0.90 -3.59 -2.39
N LYS A 186 -1.76 -3.96 -3.35
CA LYS A 186 -2.08 -3.05 -4.46
C LYS A 186 -3.57 -3.05 -4.72
N VAL A 187 -4.14 -1.86 -4.91
CA VAL A 187 -5.58 -1.74 -5.22
C VAL A 187 -5.80 -0.41 -5.95
N VAL A 188 -6.82 -0.36 -6.81
CA VAL A 188 -7.15 0.90 -7.51
C VAL A 188 -8.30 1.59 -6.81
N VAL A 189 -8.13 2.88 -6.56
CA VAL A 189 -9.08 3.72 -5.84
C VAL A 189 -9.42 4.89 -6.77
N LYS A 190 -10.71 5.27 -6.80
CA LYS A 190 -11.17 6.30 -7.73
C LYS A 190 -11.00 7.70 -7.17
N ALA A 191 -9.76 8.03 -6.85
CA ALA A 191 -9.42 9.35 -6.33
C ALA A 191 -8.14 9.85 -6.98
N ASN A 192 -7.95 11.16 -6.95
CA ASN A 192 -6.72 11.79 -7.42
C ASN A 192 -5.57 11.49 -6.48
N TRP A 193 -4.38 11.32 -7.05
CA TRP A 193 -3.19 11.04 -6.22
C TRP A 193 -2.95 12.08 -5.10
N LYS A 194 -3.32 13.35 -5.38
CA LYS A 194 -3.11 14.40 -4.39
C LYS A 194 -4.00 14.28 -3.16
N SER A 195 -5.17 13.64 -3.32
N SER A 195 -5.16 13.63 -3.30
CA SER A 195 -6.07 13.47 -2.17
CA SER A 195 -6.08 13.45 -2.18
C SER A 195 -5.41 12.61 -1.08
C SER A 195 -5.45 12.58 -1.08
N PHE A 196 -4.70 11.55 -1.49
CA PHE A 196 -3.96 10.71 -0.55
C PHE A 196 -2.75 11.46 -0.02
N ALA A 197 -2.05 12.16 -0.92
CA ALA A 197 -0.81 12.82 -0.54
C ALA A 197 -1.07 13.87 0.54
N GLU A 198 -2.13 14.66 0.40
CA GLU A 198 -2.44 15.68 1.42
C GLU A 198 -2.91 15.04 2.73
N ASN A 199 -3.67 13.94 2.64
CA ASN A 199 -4.12 13.23 3.84
C ASN A 199 -2.93 12.74 4.67
N PHE A 200 -1.95 12.12 4.02
CA PHE A 200 -0.80 11.59 4.76
C PHE A 200 0.21 12.66 5.17
N VAL A 201 0.28 13.76 4.41
CA VAL A 201 1.27 14.79 4.73
C VAL A 201 0.98 15.46 6.07
N GLY A 202 -0.28 15.58 6.44
CA GLY A 202 -0.59 16.22 7.72
C GLY A 202 -1.98 16.10 8.29
N ASP A 203 -2.74 15.09 7.89
CA ASP A 203 -4.14 15.01 8.37
C ASP A 203 -4.29 14.30 9.72
N GLY A 204 -3.69 14.85 10.77
CA GLY A 204 -3.99 14.36 12.12
C GLY A 204 -5.44 14.60 12.49
N TYR A 205 -6.02 15.67 11.92
CA TYR A 205 -7.39 16.11 12.21
C TYR A 205 -8.45 15.05 11.89
N HIS A 206 -8.22 14.23 10.87
CA HIS A 206 -9.26 13.27 10.42
C HIS A 206 -9.36 12.03 11.30
N VAL A 207 -8.26 11.68 11.96
CA VAL A 207 -8.16 10.39 12.66
C VAL A 207 -9.32 10.15 13.63
N GLY A 208 -9.55 11.12 14.50
CA GLY A 208 -10.56 10.98 15.55
C GLY A 208 -11.99 10.94 15.03
N TRP A 209 -12.21 11.47 13.83
CA TRP A 209 -13.56 11.55 13.25
C TRP A 209 -13.82 10.46 12.23
N THR A 210 -13.08 10.50 11.12
CA THR A 210 -13.20 9.47 10.09
C THR A 210 -13.09 8.05 10.68
N HIS A 211 -12.11 7.86 11.57
CA HIS A 211 -11.81 6.52 12.11
C HIS A 211 -12.37 6.26 13.51
N ALA A 212 -13.40 7.03 13.91
CA ALA A 212 -14.02 6.84 15.23
C ALA A 212 -14.36 5.36 15.52
N ALA A 213 -14.99 4.69 14.56
CA ALA A 213 -15.43 3.31 14.75
C ALA A 213 -14.25 2.36 14.88
N ALA A 214 -13.23 2.58 14.06
CA ALA A 214 -12.03 1.73 14.07
C ALA A 214 -11.26 1.92 15.39
N LEU A 215 -11.28 3.14 15.92
CA LEU A 215 -10.63 3.41 17.21
C LEU A 215 -11.32 2.66 18.32
N ARG A 216 -12.65 2.71 18.31
CA ARG A 216 -13.45 2.03 19.32
C ARG A 216 -13.21 0.52 19.25
N ALA A 217 -13.17 -0.02 18.02
CA ALA A 217 -13.08 -1.48 17.82
C ALA A 217 -11.70 -2.05 18.16
N GLY A 218 -10.65 -1.40 17.68
CA GLY A 218 -9.28 -1.92 17.82
C GLY A 218 -8.54 -1.41 19.04
N GLN A 219 -9.03 -0.32 19.61
N GLN A 219 -9.01 -0.31 19.62
CA GLN A 219 -8.42 0.33 20.79
CA GLN A 219 -8.40 0.29 20.81
C GLN A 219 -6.96 0.76 20.54
C GLN A 219 -6.97 0.81 20.57
N SER A 220 -6.72 1.30 19.35
CA SER A 220 -5.46 1.98 19.02
C SER A 220 -5.18 3.08 20.04
N VAL A 221 -3.90 3.37 20.24
CA VAL A 221 -3.49 4.50 21.08
C VAL A 221 -4.10 5.84 20.64
N PHE A 222 -4.52 5.91 19.37
CA PHE A 222 -5.19 7.10 18.86
C PHE A 222 -6.61 7.31 19.41
N SER A 223 -7.08 6.37 20.24
N SER A 223 -7.08 6.38 20.24
CA SER A 223 -8.40 6.54 20.88
CA SER A 223 -8.39 6.52 20.88
C SER A 223 -8.46 7.82 21.69
C SER A 223 -8.46 7.78 21.76
N SER A 224 -7.29 8.33 22.12
CA SER A 224 -7.22 9.58 22.87
C SER A 224 -7.89 10.77 22.15
N ILE A 225 -7.85 10.75 20.81
CA ILE A 225 -8.41 11.86 20.02
C ILE A 225 -9.74 11.50 19.37
N ALA A 226 -10.32 10.36 19.78
CA ALA A 226 -11.60 9.92 19.26
C ALA A 226 -12.66 11.01 19.36
N GLY A 227 -13.42 11.19 18.29
CA GLY A 227 -14.46 12.20 18.21
C GLY A 227 -13.97 13.64 18.13
N ASN A 228 -12.65 13.80 17.96
CA ASN A 228 -12.01 15.13 17.98
C ASN A 228 -12.41 15.95 19.22
N ALA A 229 -12.54 15.24 20.34
CA ALA A 229 -13.05 15.82 21.58
C ALA A 229 -11.92 16.44 22.41
N LYS A 230 -10.78 15.75 22.48
CA LYS A 230 -9.64 16.17 23.29
C LYS A 230 -8.36 15.95 22.53
N LEU A 231 -7.39 16.84 22.76
CA LEU A 231 -6.03 16.66 22.24
C LEU A 231 -5.36 15.51 23.01
N PRO A 232 -4.27 14.94 22.44
CA PRO A 232 -3.60 13.85 23.16
C PRO A 232 -3.04 14.33 24.51
N PRO A 233 -3.12 13.47 25.55
CA PRO A 233 -2.55 13.84 26.85
C PRO A 233 -1.05 14.12 26.79
N GLU A 234 -0.39 13.63 25.74
CA GLU A 234 1.04 13.84 25.54
C GLU A 234 1.35 15.25 25.01
N GLY A 235 0.33 15.96 24.56
CA GLY A 235 0.49 17.26 23.91
C GLY A 235 -0.03 17.22 22.49
N ALA A 236 -0.11 18.39 21.86
CA ALA A 236 -0.66 18.53 20.52
C ALA A 236 0.25 17.93 19.44
N GLY A 237 1.52 17.69 19.80
CA GLY A 237 2.51 17.21 18.84
C GLY A 237 3.09 18.33 17.98
N LEU A 238 3.65 17.95 16.83
CA LEU A 238 4.29 18.90 15.92
C LEU A 238 3.84 18.62 14.49
N GLN A 239 4.02 19.60 13.62
CA GLN A 239 3.94 19.39 12.18
C GLN A 239 5.00 20.24 11.52
N MET A 240 5.63 19.71 10.47
CA MET A 240 6.66 20.47 9.79
C MET A 240 6.51 20.37 8.29
N THR A 241 7.12 21.32 7.60
CA THR A 241 7.23 21.28 6.16
C THR A 241 8.58 21.85 5.72
N SER A 242 8.87 21.70 4.43
CA SER A 242 10.20 21.91 3.91
C SER A 242 10.13 22.51 2.51
N LYS A 243 11.29 22.97 2.02
CA LYS A 243 11.36 23.73 0.79
C LYS A 243 10.80 23.00 -0.42
N TYR A 244 11.13 21.72 -0.55
CA TYR A 244 10.76 20.97 -1.74
C TYR A 244 9.43 20.22 -1.56
N GLY A 245 8.71 20.51 -0.48
CA GLY A 245 7.30 20.06 -0.34
C GLY A 245 7.01 18.93 0.62
N SER A 246 8.04 18.19 1.01
CA SER A 246 7.90 17.09 1.97
C SER A 246 7.57 17.65 3.35
N GLY A 247 6.73 16.92 4.09
CA GLY A 247 6.29 17.36 5.40
C GLY A 247 5.69 16.23 6.18
N MET A 248 5.44 16.47 7.46
CA MET A 248 4.93 15.39 8.32
C MET A 248 4.47 15.93 9.65
N GLY A 249 3.60 15.16 10.29
CA GLY A 249 3.21 15.40 11.66
C GLY A 249 3.88 14.43 12.61
N VAL A 250 3.97 14.85 13.88
CA VAL A 250 4.52 14.01 14.95
C VAL A 250 3.53 13.95 16.11
N PHE A 251 3.06 12.75 16.42
CA PHE A 251 2.24 12.48 17.61
C PHE A 251 3.16 11.78 18.61
N TRP A 252 3.49 12.48 19.70
CA TRP A 252 4.49 11.99 20.64
C TRP A 252 4.13 10.63 21.23
N GLY A 253 5.10 9.71 21.18
CA GLY A 253 5.03 8.45 21.93
C GLY A 253 4.20 7.34 21.31
N TYR A 254 3.49 7.65 20.22
CA TYR A 254 2.49 6.70 19.69
C TYR A 254 3.10 5.64 18.76
N TYR A 255 4.03 4.87 19.28
CA TYR A 255 4.82 3.93 18.49
C TYR A 255 3.98 2.82 17.86
N SER A 256 2.83 2.55 18.47
CA SER A 256 1.94 1.51 17.92
C SER A 256 0.96 2.07 16.88
N GLY A 257 0.88 3.40 16.75
CA GLY A 257 0.10 4.03 15.67
C GLY A 257 -1.31 3.49 15.51
N ASN A 258 -1.66 3.15 14.26
CA ASN A 258 -3.01 2.68 13.94
C ASN A 258 -3.22 1.18 14.20
N PHE A 259 -2.28 0.54 14.89
CA PHE A 259 -2.45 -0.87 15.22
C PHE A 259 -3.42 -1.07 16.39
N SER A 260 -4.08 -2.22 16.40
CA SER A 260 -5.01 -2.58 17.48
C SER A 260 -4.30 -3.01 18.78
N ALA A 261 -5.10 -3.18 19.83
CA ALA A 261 -4.60 -3.49 21.17
C ALA A 261 -3.68 -4.71 21.26
N ASP A 262 -3.91 -5.71 20.41
CA ASP A 262 -3.12 -6.94 20.46
C ASP A 262 -1.65 -6.74 20.05
N MET A 263 -1.37 -5.62 19.36
CA MET A 263 -0.01 -5.28 18.93
C MET A 263 0.70 -4.34 19.91
N ILE A 264 -0.06 -3.69 20.77
CA ILE A 264 0.50 -2.60 21.58
C ILE A 264 1.57 -3.02 22.60
N PRO A 265 1.28 -3.98 23.49
CA PRO A 265 2.31 -4.28 24.50
C PRO A 265 3.69 -4.67 23.93
N ASP A 266 3.72 -5.58 22.95
CA ASP A 266 5.00 -6.07 22.41
C ASP A 266 5.74 -4.99 21.64
N LEU A 267 5.00 -4.19 20.86
CA LEU A 267 5.62 -3.11 20.10
C LEU A 267 6.16 -2.01 20.99
N MET A 268 5.34 -1.56 21.94
CA MET A 268 5.76 -0.54 22.91
C MET A 268 6.99 -0.98 23.69
N ALA A 269 7.05 -2.25 24.10
CA ALA A 269 8.22 -2.77 24.82
C ALA A 269 9.49 -2.71 23.98
N PHE A 270 9.38 -3.10 22.70
CA PHE A 270 10.52 -3.04 21.79
C PHE A 270 10.98 -1.58 21.57
N GLY A 271 10.04 -0.69 21.29
CA GLY A 271 10.39 0.71 21.06
C GLY A 271 10.95 1.44 22.28
N ALA A 272 10.37 1.18 23.45
CA ALA A 272 10.85 1.81 24.69
C ALA A 272 12.28 1.37 25.01
N ALA A 273 12.59 0.11 24.70
CA ALA A 273 13.91 -0.46 24.97
C ALA A 273 14.98 0.19 24.07
N LYS A 274 14.69 0.35 22.79
CA LYS A 274 15.65 1.00 21.89
C LYS A 274 15.75 2.51 22.15
N GLN A 275 14.64 3.12 22.54
CA GLN A 275 14.63 4.55 22.86
C GLN A 275 15.65 4.86 23.95
N GLU A 276 15.72 3.99 24.96
CA GLU A 276 16.65 4.21 26.07
C GLU A 276 18.10 4.16 25.58
N LYS A 277 18.40 3.22 24.69
CA LYS A 277 19.72 3.14 24.06
C LYS A 277 19.99 4.39 23.22
N LEU A 278 19.00 4.77 22.39
CA LEU A 278 19.17 5.88 21.46
C LEU A 278 19.35 7.25 22.12
N ALA A 279 18.73 7.43 23.28
CA ALA A 279 18.82 8.69 24.01
C ALA A 279 20.29 9.06 24.28
N LYS A 280 21.12 8.04 24.47
CA LYS A 280 22.55 8.24 24.72
C LYS A 280 23.34 8.68 23.48
N GLU A 281 22.86 8.29 22.31
CA GLU A 281 23.54 8.59 21.04
C GLU A 281 23.06 9.88 20.40
N ILE A 282 21.75 10.09 20.41
CA ILE A 282 21.14 11.20 19.67
C ILE A 282 20.33 12.19 20.52
N GLY A 283 20.23 11.93 21.82
CA GLY A 283 19.57 12.86 22.74
C GLY A 283 18.14 12.47 23.03
N ASP A 284 17.59 13.00 24.12
CA ASP A 284 16.23 12.65 24.57
C ASP A 284 15.14 12.91 23.54
N VAL A 285 15.12 14.12 22.98
CA VAL A 285 14.03 14.51 22.07
C VAL A 285 14.02 13.61 20.84
N ARG A 286 15.19 13.43 20.24
CA ARG A 286 15.26 12.66 18.99
C ARG A 286 14.98 11.18 19.23
N ALA A 287 15.41 10.67 20.39
CA ALA A 287 15.06 9.30 20.80
C ALA A 287 13.56 9.14 21.01
N ARG A 288 12.91 10.20 21.49
CA ARG A 288 11.44 10.17 21.60
C ARG A 288 10.77 10.19 20.22
N ILE A 289 11.32 10.96 19.29
CA ILE A 289 10.82 10.95 17.91
C ILE A 289 10.87 9.53 17.34
N TYR A 290 11.97 8.82 17.61
CA TYR A 290 12.14 7.44 17.18
C TYR A 290 10.92 6.58 17.52
N ARG A 291 10.38 6.74 18.73
CA ARG A 291 9.21 5.93 19.14
C ARG A 291 7.90 6.73 19.14
N SER A 292 7.86 7.76 18.30
CA SER A 292 6.64 8.50 18.06
C SER A 292 6.02 8.13 16.71
N PHE A 293 4.79 8.56 16.51
CA PHE A 293 4.09 8.33 15.26
C PHE A 293 4.29 9.53 14.35
N LEU A 294 4.95 9.30 13.22
CA LEU A 294 5.09 10.32 12.18
C LEU A 294 4.19 9.94 11.00
N ASN A 295 3.37 10.88 10.55
CA ASN A 295 2.63 10.68 9.29
C ASN A 295 3.13 11.73 8.32
N GLY A 296 3.59 11.31 7.14
CA GLY A 296 4.16 12.27 6.21
C GLY A 296 4.06 11.92 4.75
N THR A 297 4.47 12.86 3.92
CA THR A 297 4.57 12.62 2.50
C THR A 297 5.94 13.12 2.05
N ILE A 298 6.64 12.25 1.34
N ILE A 298 6.66 12.25 1.38
CA ILE A 298 7.85 12.64 0.62
CA ILE A 298 7.84 12.64 0.60
C ILE A 298 7.39 13.07 -0.76
C ILE A 298 7.30 13.09 -0.74
N PHE A 299 7.43 14.38 -1.01
CA PHE A 299 6.91 14.98 -2.23
C PHE A 299 7.39 14.22 -3.48
N PRO A 300 6.49 13.99 -4.46
CA PRO A 300 5.05 14.30 -4.49
C PRO A 300 4.10 13.22 -3.95
N ASN A 301 4.44 11.93 -4.15
CA ASN A 301 3.43 10.87 -4.02
C ASN A 301 3.87 9.62 -3.28
N ASN A 302 4.84 9.79 -2.38
CA ASN A 302 5.31 8.72 -1.52
C ASN A 302 4.96 9.12 -0.10
N SER A 303 4.19 8.30 0.61
CA SER A 303 3.80 8.63 1.99
C SER A 303 4.25 7.53 2.95
N PHE A 304 4.28 7.85 4.24
CA PHE A 304 4.74 6.91 5.25
C PHE A 304 4.07 7.18 6.57
N LEU A 305 4.00 6.13 7.39
CA LEU A 305 3.72 6.23 8.80
C LEU A 305 4.87 5.54 9.52
N THR A 306 5.41 6.17 10.56
CA THR A 306 6.31 5.43 11.44
C THR A 306 5.50 4.86 12.60
N GLY A 307 6.08 3.91 13.32
CA GLY A 307 5.42 3.27 14.46
C GLY A 307 4.57 2.11 13.97
N SER A 308 3.40 2.44 13.44
N SER A 308 3.37 2.43 13.51
CA SER A 308 2.58 1.49 12.68
CA SER A 308 2.58 1.50 12.70
C SER A 308 3.13 1.42 11.25
C SER A 308 3.11 1.62 11.28
N ALA A 309 4.40 1.09 11.19
N ALA A 309 4.22 0.93 11.07
CA ALA A 309 5.29 1.30 10.04
CA ALA A 309 5.21 1.26 10.05
C ALA A 309 4.79 0.92 8.64
C ALA A 309 4.82 0.92 8.62
N ALA A 310 4.39 1.95 7.89
CA ALA A 310 3.85 1.79 6.54
C ALA A 310 4.59 2.66 5.55
N PHE A 311 4.64 2.18 4.31
CA PHE A 311 5.25 2.94 3.23
C PHE A 311 4.33 2.85 2.01
N ARG A 312 3.92 4.00 1.49
CA ARG A 312 2.84 4.08 0.47
C ARG A 312 3.31 4.77 -0.78
N VAL A 313 2.80 4.33 -1.93
CA VAL A 313 2.99 5.06 -3.18
C VAL A 313 1.61 5.27 -3.80
N TRP A 314 1.32 6.53 -4.13
CA TRP A 314 0.07 6.88 -4.78
C TRP A 314 0.36 6.99 -6.26
N ASN A 315 0.26 5.86 -6.97
CA ASN A 315 0.66 5.85 -8.38
C ASN A 315 -0.46 6.38 -9.29
N PRO A 316 -0.21 7.50 -10.00
CA PRO A 316 -1.29 8.10 -10.76
C PRO A 316 -1.67 7.25 -11.99
N ILE A 317 -2.97 7.11 -12.24
N ILE A 317 -2.97 7.08 -12.24
CA ILE A 317 -3.46 6.41 -13.43
CA ILE A 317 -3.41 6.44 -13.47
C ILE A 317 -4.14 7.41 -14.35
C ILE A 317 -4.05 7.52 -14.34
N ASP A 318 -5.03 8.20 -13.77
CA ASP A 318 -5.55 9.42 -14.39
C ASP A 318 -6.04 10.40 -13.32
N GLU A 319 -6.72 11.46 -13.73
CA GLU A 319 -7.13 12.49 -12.77
C GLU A 319 -8.07 12.03 -11.64
N ASN A 320 -8.77 10.92 -11.82
N ASN A 320 -8.74 10.90 -11.85
CA ASN A 320 -9.62 10.42 -10.72
CA ASN A 320 -9.65 10.37 -10.84
C ASN A 320 -9.32 8.95 -10.42
C ASN A 320 -9.37 8.90 -10.56
N THR A 321 -8.13 8.47 -10.78
CA THR A 321 -7.78 7.06 -10.59
C THR A 321 -6.34 6.92 -10.11
N THR A 322 -6.16 6.18 -9.03
CA THR A 322 -4.83 5.96 -8.42
C THR A 322 -4.64 4.50 -8.07
N GLU A 323 -3.46 3.98 -8.39
CA GLU A 323 -3.04 2.63 -8.02
C GLU A 323 -2.26 2.76 -6.71
N VAL A 324 -2.89 2.31 -5.63
CA VAL A 324 -2.36 2.52 -4.28
C VAL A 324 -1.51 1.33 -3.85
N TRP A 325 -0.23 1.57 -3.57
CA TRP A 325 0.69 0.54 -3.08
C TRP A 325 0.90 0.70 -1.58
N THR A 326 0.86 -0.42 -0.86
CA THR A 326 1.07 -0.45 0.60
C THR A 326 2.10 -1.47 1.04
N TYR A 327 3.24 -0.98 1.53
CA TYR A 327 4.23 -1.84 2.16
C TYR A 327 4.24 -1.63 3.67
N ALA A 328 4.72 -2.64 4.39
CA ALA A 328 5.13 -2.47 5.78
C ALA A 328 6.63 -2.29 5.78
N PHE A 329 7.15 -1.59 6.77
CA PHE A 329 8.57 -1.70 7.03
C PHE A 329 8.84 -2.12 8.46
N VAL A 330 10.01 -2.73 8.66
CA VAL A 330 10.40 -3.18 9.99
C VAL A 330 11.82 -2.75 10.31
N GLU A 331 12.13 -2.65 11.59
CA GLU A 331 13.50 -2.45 12.00
C GLU A 331 14.20 -3.81 11.92
N LYS A 332 15.39 -3.83 11.30
CA LYS A 332 16.11 -5.07 11.00
C LYS A 332 16.36 -5.98 12.20
N ASP A 333 16.52 -5.37 13.38
CA ASP A 333 16.82 -6.13 14.59
C ASP A 333 15.60 -6.53 15.40
N MET A 334 14.39 -6.31 14.86
CA MET A 334 13.20 -6.86 15.50
C MET A 334 13.24 -8.39 15.39
N PRO A 335 12.70 -9.11 16.41
CA PRO A 335 12.55 -10.57 16.29
C PRO A 335 11.71 -10.87 15.05
N GLU A 336 11.96 -12.00 14.39
N GLU A 336 11.98 -12.00 14.39
CA GLU A 336 11.29 -12.31 13.14
CA GLU A 336 11.28 -12.35 13.15
C GLU A 336 9.77 -12.46 13.28
C GLU A 336 9.77 -12.39 13.33
N ASP A 337 9.31 -12.98 14.43
CA ASP A 337 7.86 -13.07 14.68
C ASP A 337 7.21 -11.69 14.75
N LEU A 338 7.88 -10.75 15.41
CA LEU A 338 7.37 -9.38 15.49
C LEU A 338 7.30 -8.75 14.09
N LYS A 339 8.34 -8.98 13.29
CA LYS A 339 8.34 -8.50 11.91
C LYS A 339 7.12 -8.99 11.14
N ARG A 340 6.81 -10.28 11.27
CA ARG A 340 5.66 -10.85 10.58
C ARG A 340 4.35 -10.26 11.10
N ARG A 341 4.27 -10.05 12.40
CA ARG A 341 3.07 -9.50 13.00
C ARG A 341 2.86 -8.06 12.52
N VAL A 342 3.95 -7.27 12.45
CA VAL A 342 3.89 -5.90 11.95
C VAL A 342 3.43 -5.87 10.48
N ALA A 343 4.02 -6.75 9.67
CA ALA A 343 3.67 -6.81 8.24
C ALA A 343 2.18 -7.05 8.05
N ASP A 344 1.61 -8.02 8.78
CA ASP A 344 0.16 -8.27 8.68
C ASP A 344 -0.66 -7.12 9.25
N ALA A 345 -0.18 -6.49 10.33
CA ALA A 345 -0.95 -5.41 10.96
C ALA A 345 -1.08 -4.17 10.09
N VAL A 346 -0.04 -3.87 9.32
CA VAL A 346 -0.11 -2.77 8.38
C VAL A 346 -1.24 -3.03 7.38
N GLN A 347 -1.27 -4.20 6.76
CA GLN A 347 -2.33 -4.48 5.78
C GLN A 347 -3.69 -4.47 6.45
N ARG A 348 -3.74 -4.97 7.69
CA ARG A 348 -4.99 -5.03 8.44
C ARG A 348 -5.62 -3.66 8.66
N SER A 349 -4.81 -2.63 8.88
CA SER A 349 -5.35 -1.28 9.03
C SER A 349 -5.50 -0.54 7.70
N ILE A 350 -4.46 -0.52 6.87
CA ILE A 350 -4.47 0.36 5.70
C ILE A 350 -4.20 -0.29 4.35
N GLY A 351 -4.12 -1.62 4.32
CA GLY A 351 -3.99 -2.34 3.04
C GLY A 351 -5.30 -2.41 2.27
N PRO A 352 -5.30 -3.15 1.15
CA PRO A 352 -6.53 -3.24 0.34
C PRO A 352 -7.76 -3.69 1.13
N ALA A 353 -7.60 -4.56 2.11
CA ALA A 353 -8.70 -4.96 3.01
C ALA A 353 -8.55 -4.32 4.40
N GLY A 354 -7.88 -3.17 4.49
CA GLY A 354 -7.66 -2.52 5.78
C GLY A 354 -8.94 -1.88 6.29
N PHE A 355 -9.23 -2.07 7.58
CA PHE A 355 -10.49 -1.53 8.11
C PHE A 355 -10.45 -0.04 8.43
N TRP A 356 -9.24 0.53 8.52
CA TRP A 356 -9.12 2.00 8.57
C TRP A 356 -9.21 2.56 7.16
N GLU A 357 -8.36 2.07 6.26
CA GLU A 357 -8.27 2.73 4.97
C GLU A 357 -9.60 2.70 4.21
N SER A 358 -10.41 1.68 4.46
CA SER A 358 -11.75 1.59 3.82
C SER A 358 -12.58 2.82 4.16
N ASP A 359 -12.46 3.31 5.40
CA ASP A 359 -13.14 4.54 5.85
C ASP A 359 -12.76 5.69 4.92
N ASP A 360 -11.49 5.74 4.55
CA ASP A 360 -10.93 6.88 3.81
C ASP A 360 -11.38 6.99 2.37
N ASN A 361 -11.79 5.87 1.78
CA ASN A 361 -12.15 5.86 0.38
C ASN A 361 -13.10 6.98 0.04
N GLU A 362 -14.19 7.11 0.79
CA GLU A 362 -15.21 8.09 0.43
C GLU A 362 -14.75 9.52 0.64
N ASN A 363 -13.81 9.73 1.58
CA ASN A 363 -13.21 11.06 1.75
C ASN A 363 -12.48 11.47 0.48
N MET A 364 -11.56 10.61 0.05
N MET A 364 -11.56 10.64 0.00
CA MET A 364 -10.68 10.83 -1.09
CA MET A 364 -10.74 11.05 -1.14
C MET A 364 -11.44 10.89 -2.40
C MET A 364 -11.44 10.89 -2.48
N GLU A 365 -12.30 9.89 -2.61
CA GLU A 365 -12.98 9.70 -3.88
C GLU A 365 -13.99 10.81 -4.15
N THR A 366 -14.77 11.20 -3.14
CA THR A 366 -15.77 12.24 -3.39
C THR A 366 -15.11 13.61 -3.53
N MET A 367 -14.04 13.87 -2.78
CA MET A 367 -13.29 15.10 -2.99
C MET A 367 -12.85 15.19 -4.45
N SER A 368 -12.26 14.11 -4.95
CA SER A 368 -11.77 14.09 -6.33
C SER A 368 -12.89 14.23 -7.35
N GLN A 369 -14.02 13.55 -7.09
CA GLN A 369 -15.11 13.57 -8.04
C GLN A 369 -15.82 14.94 -8.02
N ASN A 370 -15.84 15.58 -6.86
CA ASN A 370 -16.35 16.96 -6.80
C ASN A 370 -15.49 17.95 -7.58
N GLY A 371 -14.17 17.72 -7.62
CA GLY A 371 -13.28 18.57 -8.42
C GLY A 371 -13.50 18.49 -9.93
N LYS A 372 -14.22 17.47 -10.38
CA LYS A 372 -14.61 17.31 -11.80
C LYS A 372 -15.90 18.05 -12.17
N LYS A 373 -16.74 18.32 -11.16
CA LYS A 373 -18.07 18.90 -11.41
C LYS A 373 -17.96 20.40 -11.61
N TYR A 374 -18.67 20.90 -12.61
CA TYR A 374 -18.55 22.31 -13.03
C TYR A 374 -18.65 23.34 -11.89
N GLN A 375 -19.78 23.37 -11.18
CA GLN A 375 -19.94 24.39 -10.12
C GLN A 375 -19.06 24.09 -8.92
N SER A 376 -18.99 22.81 -8.53
CA SER A 376 -18.33 22.42 -7.29
C SER A 376 -16.82 22.63 -7.38
N SER A 377 -16.28 22.52 -8.59
CA SER A 377 -14.82 22.63 -8.82
C SER A 377 -14.28 24.02 -8.50
N ASN A 378 -15.16 25.01 -8.46
CA ASN A 378 -14.74 26.36 -8.13
C ASN A 378 -14.72 26.65 -6.62
N ILE A 379 -15.17 25.69 -5.82
CA ILE A 379 -15.07 25.80 -4.36
C ILE A 379 -13.60 25.65 -3.96
N ASP A 380 -13.16 26.47 -3.00
CA ASP A 380 -11.81 26.35 -2.44
C ASP A 380 -11.76 25.32 -1.32
N GLN A 381 -10.71 24.51 -1.31
CA GLN A 381 -10.30 23.82 -0.10
C GLN A 381 -9.51 24.81 0.73
N ILE A 382 -9.68 24.74 2.04
CA ILE A 382 -8.95 25.62 2.95
C ILE A 382 -7.96 24.83 3.79
N ALA A 383 -6.75 25.37 3.90
CA ALA A 383 -5.67 24.75 4.67
C ALA A 383 -5.20 25.73 5.73
N SER A 384 -6.13 26.15 6.58
CA SER A 384 -5.91 27.25 7.50
C SER A 384 -5.54 26.85 8.93
N LEU A 385 -5.65 25.56 9.25
CA LEU A 385 -5.41 25.12 10.64
C LEU A 385 -3.94 25.40 11.02
N GLY A 386 -3.75 26.16 12.10
CA GLY A 386 -2.42 26.57 12.54
C GLY A 386 -1.82 27.80 11.83
N PHE A 387 -2.54 28.34 10.86
CA PHE A 387 -2.04 29.47 10.07
C PHE A 387 -1.83 30.72 10.93
N GLY A 388 -0.67 31.34 10.76
CA GLY A 388 -0.28 32.53 11.51
C GLY A 388 0.55 32.20 12.73
N LYS A 389 0.77 30.91 12.99
CA LYS A 389 1.50 30.48 14.18
C LYS A 389 2.69 29.55 13.87
N ASP A 390 2.93 29.31 12.59
CA ASP A 390 4.13 28.55 12.18
C ASP A 390 5.39 29.38 12.42
N VAL A 391 6.48 28.68 12.73
CA VAL A 391 7.78 29.31 12.94
C VAL A 391 8.85 28.71 12.03
N TYR A 392 9.94 29.44 11.84
CA TYR A 392 11.10 28.95 11.10
C TYR A 392 12.35 29.27 11.92
N GLY A 393 13.35 28.40 11.85
CA GLY A 393 14.60 28.60 12.60
C GLY A 393 14.48 28.42 14.10
N ASP A 394 13.55 27.57 14.53
CA ASP A 394 13.43 27.17 15.93
C ASP A 394 14.71 26.44 16.35
N GLU A 395 15.14 26.67 17.60
CA GLU A 395 16.38 26.07 18.12
C GLU A 395 16.39 24.55 18.10
N CYS A 396 15.24 23.94 18.37
CA CYS A 396 15.14 22.48 18.50
C CYS A 396 14.62 21.77 17.24
N TYR A 397 13.65 22.40 16.55
CA TYR A 397 12.97 21.77 15.42
C TYR A 397 13.14 22.55 14.12
N PRO A 398 13.87 21.97 13.14
CA PRO A 398 14.14 22.64 11.87
C PRO A 398 12.96 22.67 10.88
N GLY A 399 13.05 23.58 9.90
CA GLY A 399 12.00 23.76 8.91
C GLY A 399 10.93 24.72 9.37
N VAL A 400 9.85 24.78 8.60
CA VAL A 400 8.67 25.52 9.01
C VAL A 400 7.83 24.59 9.89
N VAL A 401 7.59 25.01 11.14
CA VAL A 401 7.06 24.11 12.17
C VAL A 401 5.86 24.69 12.90
N GLY A 402 4.79 23.90 13.01
CA GLY A 402 3.61 24.22 13.82
C GLY A 402 3.57 23.35 15.06
N LYS A 403 2.94 23.84 16.12
CA LYS A 403 2.90 23.10 17.39
C LYS A 403 1.68 22.18 17.54
N SER A 404 1.26 21.57 16.43
CA SER A 404 0.22 20.54 16.49
C SER A 404 0.27 19.62 15.28
N ALA A 405 0.19 18.31 15.55
CA ALA A 405 0.05 17.30 14.48
C ALA A 405 -1.38 17.27 13.91
N ILE A 406 -2.30 17.90 14.65
CA ILE A 406 -3.64 18.21 14.13
C ILE A 406 -3.50 19.64 13.64
N GLY A 407 -3.23 19.77 12.35
CA GLY A 407 -2.80 21.06 11.80
C GLY A 407 -2.60 20.97 10.31
N GLU A 408 -2.45 22.13 9.67
CA GLU A 408 -2.34 22.15 8.22
C GLU A 408 -1.07 22.83 7.69
N THR A 409 -0.10 23.00 8.60
CA THR A 409 1.25 23.46 8.26
C THR A 409 1.82 22.71 7.05
N SER A 410 1.76 21.38 7.08
CA SER A 410 2.36 20.58 6.00
C SER A 410 1.50 20.55 4.73
N TYR A 411 0.18 20.72 4.86
CA TYR A 411 -0.64 20.93 3.65
C TYR A 411 -0.17 22.18 2.91
N ARG A 412 0.01 23.26 3.67
CA ARG A 412 0.40 24.54 3.09
C ARG A 412 1.75 24.43 2.37
N GLY A 413 2.72 23.76 2.99
CA GLY A 413 4.01 23.55 2.34
C GLY A 413 3.96 22.64 1.13
N PHE A 414 3.12 21.60 1.22
CA PHE A 414 2.96 20.68 0.11
C PHE A 414 2.40 21.43 -1.10
N TYR A 415 1.35 22.20 -0.87
CA TYR A 415 0.67 22.90 -1.96
C TYR A 415 1.45 24.10 -2.47
N ARG A 416 2.26 24.70 -1.59
CA ARG A 416 3.18 25.76 -2.03
C ARG A 416 4.18 25.19 -3.05
N ALA A 417 4.80 24.06 -2.71
CA ALA A 417 5.75 23.43 -3.62
C ALA A 417 5.07 22.97 -4.91
N TYR A 418 3.87 22.41 -4.77
CA TYR A 418 3.08 21.98 -5.90
C TYR A 418 2.87 23.12 -6.91
N GLN A 419 2.38 24.26 -6.41
CA GLN A 419 2.10 25.42 -7.24
C GLN A 419 3.36 25.96 -7.90
N ALA A 420 4.46 26.02 -7.14
CA ALA A 420 5.74 26.47 -7.70
C ALA A 420 6.15 25.59 -8.89
N HIS A 421 5.98 24.27 -8.75
CA HIS A 421 6.30 23.37 -9.86
C HIS A 421 5.38 23.48 -11.07
N ILE A 422 4.07 23.56 -10.87
CA ILE A 422 3.18 23.62 -12.03
C ILE A 422 3.32 24.94 -12.80
N SER A 423 3.81 25.99 -12.12
CA SER A 423 4.05 27.29 -12.73
C SER A 423 5.44 27.43 -13.35
N SER A 424 6.26 26.38 -13.22
CA SER A 424 7.66 26.41 -13.64
C SER A 424 7.96 25.42 -14.76
N SER A 425 8.91 25.78 -15.62
N SER A 425 8.92 25.77 -15.61
CA SER A 425 9.31 24.94 -16.76
CA SER A 425 9.29 24.91 -16.74
C SER A 425 10.48 24.01 -16.42
C SER A 425 10.49 24.02 -16.44
N ASN A 426 11.20 24.32 -15.35
CA ASN A 426 12.40 23.59 -14.97
C ASN A 426 12.78 23.82 -13.51
N TRP A 427 13.85 23.18 -13.07
CA TRP A 427 14.30 23.34 -11.69
C TRP A 427 14.76 24.75 -11.36
N ALA A 428 15.44 25.42 -12.30
CA ALA A 428 15.88 26.80 -12.08
C ALA A 428 14.70 27.71 -11.76
N GLU A 429 13.63 27.58 -12.53
CA GLU A 429 12.41 28.36 -12.30
C GLU A 429 11.72 28.02 -10.98
N PHE A 430 11.70 26.73 -10.63
CA PHE A 430 11.20 26.34 -9.31
C PHE A 430 11.98 27.04 -8.20
N GLU A 431 13.31 27.00 -8.30
CA GLU A 431 14.16 27.62 -7.29
C GLU A 431 13.87 29.12 -7.16
N ASN A 432 13.72 29.80 -8.28
CA ASN A 432 13.37 31.23 -8.27
C ASN A 432 12.01 31.47 -7.59
N ALA A 433 11.07 30.57 -7.84
CA ALA A 433 9.73 30.67 -7.26
C ALA A 433 9.69 30.31 -5.77
N SER A 434 10.80 29.79 -5.26
CA SER A 434 10.86 29.26 -3.88
C SER A 434 11.89 29.96 -3.01
N ARG A 435 12.46 31.05 -3.52
CA ARG A 435 13.51 31.81 -2.83
C ARG A 435 13.12 32.22 -1.41
N ASN A 436 11.87 32.65 -1.23
CA ASN A 436 11.39 33.02 0.09
C ASN A 436 10.34 32.08 0.65
N TRP A 437 10.54 30.77 0.44
CA TRP A 437 9.55 29.76 0.79
C TRP A 437 9.14 29.77 2.27
N HIS A 438 10.08 30.06 3.17
CA HIS A 438 9.77 30.01 4.59
C HIS A 438 9.27 31.36 5.12
N ILE A 439 9.75 32.44 4.52
CA ILE A 439 9.31 33.79 4.89
C ILE A 439 7.97 34.11 4.25
N MET B 1 -8.48 -40.46 -9.79
CA MET B 1 -7.82 -39.60 -10.74
C MET B 1 -6.62 -38.88 -10.11
N MET B 2 -5.58 -38.98 -10.86
N MET B 2 -5.59 -38.97 -10.88
CA MET B 2 -4.23 -38.44 -10.64
CA MET B 2 -4.26 -38.42 -10.67
C MET B 2 -3.68 -37.65 -11.84
C MET B 2 -3.77 -37.59 -11.86
N ILE B 3 -3.03 -36.52 -11.54
CA ILE B 3 -2.45 -35.64 -12.54
C ILE B 3 -0.96 -35.93 -12.59
N ASN B 4 -0.41 -36.08 -13.79
CA ASN B 4 1.04 -36.27 -13.98
C ASN B 4 1.67 -34.90 -14.17
N THR B 5 2.28 -34.36 -13.12
CA THR B 5 2.82 -33.00 -13.18
C THR B 5 4.05 -32.83 -14.07
N GLN B 6 4.66 -33.94 -14.47
CA GLN B 6 5.75 -33.87 -15.43
C GLN B 6 5.22 -33.52 -16.83
N GLU B 7 4.05 -34.05 -17.18
CA GLU B 7 3.44 -33.81 -18.50
C GLU B 7 2.55 -32.55 -18.43
N ASP B 8 1.87 -32.39 -17.30
CA ASP B 8 0.97 -31.24 -17.09
C ASP B 8 1.76 -30.11 -16.49
N LYS B 9 2.44 -29.38 -17.37
CA LYS B 9 3.49 -28.43 -17.00
C LYS B 9 3.02 -27.18 -16.26
N LEU B 10 1.72 -26.89 -16.34
CA LEU B 10 1.14 -25.69 -15.73
C LEU B 10 0.62 -25.95 -14.33
N VAL B 11 0.55 -27.23 -13.94
CA VAL B 11 -0.08 -27.60 -12.68
C VAL B 11 0.92 -27.64 -11.55
N SER B 12 0.59 -26.96 -10.45
CA SER B 12 1.46 -27.03 -9.28
C SER B 12 1.29 -28.35 -8.56
N ALA B 13 2.34 -28.79 -7.87
CA ALA B 13 2.25 -30.03 -7.10
C ALA B 13 1.13 -29.89 -6.06
N HIS B 14 1.03 -28.72 -5.45
CA HIS B 14 -0.02 -28.44 -4.48
C HIS B 14 -1.42 -28.65 -5.09
N ASP B 15 -1.65 -28.06 -6.26
CA ASP B 15 -2.98 -28.15 -6.85
C ASP B 15 -3.29 -29.57 -7.29
N ALA B 16 -2.26 -30.29 -7.78
CA ALA B 16 -2.45 -31.68 -8.24
C ALA B 16 -2.90 -32.59 -7.10
N GLU B 17 -2.20 -32.50 -5.97
N GLU B 17 -2.23 -32.50 -5.96
CA GLU B 17 -2.53 -33.33 -4.80
CA GLU B 17 -2.57 -33.38 -4.85
C GLU B 17 -3.93 -33.03 -4.32
C GLU B 17 -3.91 -33.03 -4.22
N GLU B 18 -4.22 -31.74 -4.21
CA GLU B 18 -5.49 -31.26 -3.72
C GLU B 18 -6.62 -31.76 -4.63
N PHE B 19 -6.44 -31.72 -5.95
CA PHE B 19 -7.45 -32.26 -6.86
C PHE B 19 -7.73 -33.73 -6.54
N HIS B 20 -6.67 -34.49 -6.35
CA HIS B 20 -6.80 -35.92 -6.03
C HIS B 20 -7.59 -36.12 -4.73
N ARG B 21 -7.26 -35.32 -3.70
CA ARG B 21 -7.95 -35.36 -2.39
C ARG B 21 -9.45 -35.31 -2.56
N PHE B 22 -9.90 -34.29 -3.29
CA PHE B 22 -11.30 -34.01 -3.48
C PHE B 22 -11.98 -34.98 -4.43
N PHE B 23 -11.20 -35.59 -5.32
CA PHE B 23 -11.75 -36.56 -6.26
C PHE B 23 -12.14 -37.80 -5.48
N VAL B 24 -11.18 -38.36 -4.75
CA VAL B 24 -11.42 -39.60 -4.00
C VAL B 24 -12.31 -39.40 -2.77
N GLY B 25 -12.40 -38.17 -2.30
CA GLY B 25 -13.19 -37.84 -1.11
C GLY B 25 -14.66 -37.63 -1.36
N HIS B 26 -15.09 -37.76 -2.62
CA HIS B 26 -16.47 -37.48 -2.94
C HIS B 26 -17.43 -38.37 -2.14
N ASP B 27 -18.44 -37.75 -1.55
CA ASP B 27 -19.50 -38.45 -0.88
C ASP B 27 -20.79 -37.66 -1.08
N SER B 28 -21.82 -38.32 -1.63
N SER B 28 -21.82 -38.30 -1.64
CA SER B 28 -23.08 -37.67 -1.98
CA SER B 28 -23.04 -37.56 -1.99
C SER B 28 -23.73 -36.98 -0.78
C SER B 28 -23.76 -36.96 -0.77
N ASP B 29 -23.79 -37.69 0.35
CA ASP B 29 -24.38 -37.15 1.58
C ASP B 29 -23.61 -35.90 2.03
N LEU B 30 -22.28 -35.99 1.99
CA LEU B 30 -21.46 -34.88 2.44
C LEU B 30 -21.64 -33.67 1.53
N GLN B 31 -21.75 -33.94 0.23
CA GLN B 31 -21.93 -32.86 -0.75
C GLN B 31 -23.18 -32.05 -0.42
N GLN B 32 -24.28 -32.76 -0.16
CA GLN B 32 -25.55 -32.08 0.18
C GLN B 32 -25.41 -31.27 1.48
N GLU B 33 -24.78 -31.88 2.48
CA GLU B 33 -24.63 -31.26 3.80
C GLU B 33 -23.81 -29.97 3.76
N VAL B 34 -22.68 -30.03 3.04
CA VAL B 34 -21.79 -28.88 2.93
C VAL B 34 -22.39 -27.80 2.04
N THR B 35 -23.13 -28.21 1.00
CA THR B 35 -23.81 -27.24 0.17
C THR B 35 -24.78 -26.43 1.03
N THR B 36 -25.53 -27.11 1.90
CA THR B 36 -26.47 -26.42 2.80
C THR B 36 -25.73 -25.48 3.76
N LEU B 37 -24.64 -25.98 4.33
CA LEU B 37 -23.81 -25.20 5.23
C LEU B 37 -23.35 -23.88 4.58
N LEU B 38 -22.81 -23.98 3.36
CA LEU B 38 -22.25 -22.78 2.70
C LEU B 38 -23.35 -21.83 2.25
N THR B 39 -24.50 -22.37 1.89
CA THR B 39 -25.65 -21.51 1.52
C THR B 39 -26.13 -20.74 2.75
N ARG B 40 -26.25 -21.42 3.88
CA ARG B 40 -26.62 -20.75 5.12
C ARG B 40 -25.59 -19.67 5.49
N GLU B 41 -24.31 -20.02 5.39
CA GLU B 41 -23.25 -19.07 5.76
C GLU B 41 -23.35 -17.81 4.87
N ALA B 42 -23.56 -18.02 3.58
CA ALA B 42 -23.61 -16.91 2.63
C ALA B 42 -24.85 -16.02 2.86
N HIS B 43 -25.99 -16.65 3.16
CA HIS B 43 -27.21 -15.91 3.48
C HIS B 43 -26.97 -15.01 4.70
N LEU B 44 -26.39 -15.59 5.72
CA LEU B 44 -26.12 -14.86 6.97
C LEU B 44 -25.23 -13.65 6.73
N LEU B 45 -24.20 -13.84 5.92
CA LEU B 45 -23.34 -12.73 5.55
C LEU B 45 -24.04 -11.70 4.68
N ASP B 46 -24.90 -12.16 3.78
CA ASP B 46 -25.59 -11.24 2.88
C ASP B 46 -26.51 -10.28 3.65
N ILE B 47 -27.11 -10.76 4.73
CA ILE B 47 -27.99 -9.90 5.52
C ILE B 47 -27.19 -9.17 6.62
N GLN B 48 -25.86 -9.34 6.59
CA GLN B 48 -24.94 -8.58 7.42
C GLN B 48 -25.02 -8.95 8.90
N ALA B 49 -25.34 -10.22 9.14
CA ALA B 49 -25.43 -10.72 10.52
C ALA B 49 -24.04 -11.18 10.91
N TYR B 50 -23.10 -10.24 10.97
CA TYR B 50 -21.69 -10.60 11.23
C TYR B 50 -21.44 -11.19 12.60
N LYS B 51 -22.18 -10.75 13.61
CA LYS B 51 -21.99 -11.30 14.95
C LYS B 51 -22.44 -12.77 15.01
N ALA B 52 -23.60 -13.04 14.41
CA ALA B 52 -24.11 -14.40 14.35
C ALA B 52 -23.14 -15.30 13.57
N TRP B 53 -22.59 -14.77 12.48
CA TRP B 53 -21.61 -15.53 11.69
C TRP B 53 -20.38 -15.85 12.55
N LEU B 54 -19.82 -14.83 13.20
CA LEU B 54 -18.62 -15.04 14.00
C LEU B 54 -18.87 -16.00 15.18
N GLU B 55 -20.03 -15.89 15.82
CA GLU B 55 -20.33 -16.76 16.97
C GLU B 55 -20.65 -18.21 16.58
N HIS B 56 -21.47 -18.38 15.54
CA HIS B 56 -22.06 -19.68 15.24
C HIS B 56 -21.40 -20.43 14.09
N PHE B 57 -20.75 -19.68 13.20
CA PHE B 57 -20.10 -20.31 12.03
C PHE B 57 -18.58 -20.35 12.06
N VAL B 58 -17.96 -19.66 13.02
CA VAL B 58 -16.50 -19.50 13.04
C VAL B 58 -15.97 -20.07 14.36
N ALA B 59 -14.95 -20.92 14.28
CA ALA B 59 -14.41 -21.59 15.48
C ALA B 59 -13.41 -20.69 16.17
N PRO B 60 -13.25 -20.86 17.50
CA PRO B 60 -12.26 -20.03 18.19
C PRO B 60 -10.83 -20.05 17.59
N GLU B 61 -10.42 -21.18 17.04
CA GLU B 61 -9.07 -21.35 16.50
C GLU B 61 -8.93 -20.86 15.05
N ILE B 62 -9.94 -20.14 14.55
CA ILE B 62 -9.95 -19.66 13.16
C ILE B 62 -8.66 -18.99 12.72
N LYS B 63 -8.24 -19.34 11.50
CA LYS B 63 -7.29 -18.56 10.70
C LYS B 63 -8.02 -18.20 9.43
N TYR B 64 -8.24 -16.90 9.25
CA TYR B 64 -9.01 -16.39 8.12
C TYR B 64 -8.04 -15.57 7.25
N GLN B 65 -7.64 -16.16 6.12
CA GLN B 65 -6.51 -15.62 5.35
C GLN B 65 -6.85 -15.40 3.88
N VAL B 66 -6.55 -14.21 3.37
CA VAL B 66 -6.73 -13.90 1.94
C VAL B 66 -5.40 -13.28 1.54
N ILE B 67 -4.75 -13.88 0.54
CA ILE B 67 -3.45 -13.37 0.08
C ILE B 67 -3.55 -12.73 -1.30
N SER B 68 -2.60 -11.86 -1.57
CA SER B 68 -2.38 -11.35 -2.91
C SER B 68 -0.96 -11.80 -3.29
N ARG B 69 -0.85 -12.57 -4.36
CA ARG B 69 0.44 -13.15 -4.75
C ARG B 69 1.13 -12.26 -5.77
N GLU B 70 2.37 -11.89 -5.45
CA GLU B 70 3.15 -11.10 -6.39
C GLU B 70 3.36 -11.92 -7.66
N LEU B 71 3.25 -11.28 -8.84
CA LEU B 71 3.43 -12.01 -10.09
C LEU B 71 4.92 -12.23 -10.38
N ARG B 72 5.31 -13.50 -10.44
CA ARG B 72 6.70 -13.90 -10.64
C ARG B 72 6.82 -14.65 -11.96
N SER B 73 8.01 -14.63 -12.55
CA SER B 73 8.23 -15.43 -13.75
C SER B 73 8.17 -16.92 -13.44
N THR B 74 7.51 -17.65 -14.32
CA THR B 74 7.35 -19.10 -14.18
C THR B 74 8.68 -19.82 -14.24
N SER B 75 9.73 -19.10 -14.68
CA SER B 75 11.06 -19.71 -14.79
C SER B 75 12.10 -19.01 -13.88
N GLU B 76 11.63 -18.12 -12.98
CA GLU B 76 12.64 -17.37 -12.15
C GLU B 76 12.78 -17.79 -10.65
N ARG B 77 13.59 -18.87 -10.62
CA ARG B 77 14.13 -19.70 -9.56
C ARG B 77 14.86 -19.05 -8.42
N ARG B 78 15.78 -18.20 -8.78
CA ARG B 78 16.64 -17.59 -7.79
C ARG B 78 15.99 -16.65 -6.77
N TYR B 79 15.06 -15.84 -7.24
CA TYR B 79 14.40 -14.85 -6.36
C TYR B 79 13.47 -15.54 -5.38
N GLN B 80 13.87 -15.57 -4.13
CA GLN B 80 13.14 -16.32 -3.09
C GLN B 80 12.39 -15.51 -2.04
N LEU B 81 12.33 -14.19 -2.20
CA LEU B 81 11.65 -13.33 -1.23
C LEU B 81 10.17 -13.68 -1.21
N ASN B 82 9.56 -13.47 -0.05
CA ASN B 82 8.14 -13.78 0.14
C ASN B 82 7.29 -13.27 -1.03
N ASP B 83 6.46 -14.16 -1.59
CA ASP B 83 5.66 -13.78 -2.76
C ASP B 83 4.22 -13.47 -2.44
N ALA B 84 3.85 -13.45 -1.15
CA ALA B 84 2.45 -13.28 -0.76
C ALA B 84 2.31 -12.24 0.32
N VAL B 85 1.36 -11.32 0.12
CA VAL B 85 0.98 -10.36 1.14
C VAL B 85 -0.39 -10.75 1.67
N ASN B 86 -0.54 -10.65 2.99
CA ASN B 86 -1.80 -11.03 3.65
C ASN B 86 -2.74 -9.85 3.67
N LEU B 87 -3.74 -9.87 2.78
CA LEU B 87 -4.80 -8.86 2.83
C LEU B 87 -5.64 -9.07 4.08
N TYR B 88 -5.87 -10.34 4.41
CA TYR B 88 -6.41 -10.76 5.71
C TYR B 88 -5.51 -11.89 6.20
N ASN B 89 -5.26 -11.91 7.51
CA ASN B 89 -4.73 -13.10 8.17
C ASN B 89 -5.12 -13.04 9.63
N GLU B 90 -6.38 -13.38 9.89
CA GLU B 90 -7.04 -13.00 11.14
C GLU B 90 -7.30 -14.17 12.06
N ASN B 91 -7.03 -13.96 13.35
CA ASN B 91 -7.51 -14.90 14.35
C ASN B 91 -8.89 -14.42 14.83
N TYR B 92 -9.45 -15.10 15.82
CA TYR B 92 -10.78 -14.78 16.28
C TYR B 92 -10.91 -13.33 16.80
N GLN B 93 -9.93 -12.90 17.59
CA GLN B 93 -9.98 -11.57 18.15
C GLN B 93 -9.95 -10.50 17.04
N GLN B 94 -9.16 -10.76 15.99
CA GLN B 94 -9.01 -9.82 14.89
C GLN B 94 -10.29 -9.77 14.06
N LEU B 95 -10.95 -10.91 13.92
CA LEU B 95 -12.27 -10.89 13.29
C LEU B 95 -13.27 -10.13 14.18
N LYS B 96 -13.19 -10.32 15.49
CA LYS B 96 -14.07 -9.61 16.41
C LYS B 96 -13.93 -8.10 16.22
N VAL B 97 -12.70 -7.62 16.14
CA VAL B 97 -12.43 -6.21 15.88
C VAL B 97 -13.10 -5.73 14.59
N ARG B 98 -12.92 -6.50 13.52
CA ARG B 98 -13.48 -6.12 12.23
C ARG B 98 -15.01 -6.10 12.27
N VAL B 99 -15.58 -7.08 12.98
CA VAL B 99 -17.04 -7.15 13.14
C VAL B 99 -17.57 -5.97 13.95
N GLU B 100 -16.89 -5.64 15.04
N GLU B 100 -16.87 -5.60 15.01
CA GLU B 100 -17.27 -4.46 15.82
CA GLU B 100 -17.29 -4.45 15.82
C GLU B 100 -17.27 -3.21 14.93
C GLU B 100 -17.15 -3.10 15.09
N HIS B 101 -16.18 -3.01 14.18
CA HIS B 101 -16.06 -1.86 13.27
C HIS B 101 -17.27 -1.82 12.34
N GLN B 102 -17.65 -2.98 11.82
CA GLN B 102 -18.83 -3.07 10.94
C GLN B 102 -20.11 -2.56 11.57
N MET B 103 -20.35 -2.88 12.82
CA MET B 103 -21.67 -2.54 13.37
C MET B 103 -21.76 -1.27 14.17
N ASP B 104 -20.64 -0.56 14.26
CA ASP B 104 -20.60 0.69 15.01
C ASP B 104 -21.46 1.69 14.27
N PRO B 105 -22.35 2.39 14.98
CA PRO B 105 -23.16 3.42 14.31
C PRO B 105 -22.33 4.58 13.71
N GLN B 106 -21.05 4.68 14.09
CA GLN B 106 -20.20 5.74 13.54
C GLN B 106 -19.30 5.26 12.40
N ASN B 107 -19.60 4.07 11.89
CA ASN B 107 -18.98 3.60 10.65
C ASN B 107 -19.65 4.36 9.49
N TRP B 108 -19.02 5.44 9.04
CA TRP B 108 -19.68 6.34 8.09
C TRP B 108 -19.91 5.65 6.76
N ALA B 109 -19.01 4.73 6.42
CA ALA B 109 -19.08 4.06 5.12
C ALA B 109 -20.31 3.17 4.97
N ASN B 110 -20.86 2.72 6.10
CA ASN B 110 -22.01 1.81 6.13
C ASN B 110 -23.37 2.52 6.06
N ASN B 111 -23.33 3.84 5.84
CA ASN B 111 -24.57 4.63 5.78
C ASN B 111 -24.62 5.42 4.48
N PRO B 112 -25.65 5.20 3.62
CA PRO B 112 -26.76 4.23 3.74
C PRO B 112 -26.30 2.78 3.65
N LYS B 113 -27.11 1.89 4.16
CA LYS B 113 -26.79 0.47 4.25
C LYS B 113 -26.37 -0.11 2.91
N ILE B 114 -25.21 -0.79 2.92
CA ILE B 114 -24.66 -1.40 1.72
C ILE B 114 -25.49 -2.64 1.35
N ARG B 115 -25.49 -3.00 0.06
CA ARG B 115 -26.15 -4.25 -0.36
C ARG B 115 -25.17 -5.34 -0.81
N PHE B 116 -25.26 -6.52 -0.21
CA PHE B 116 -24.43 -7.66 -0.59
C PHE B 116 -25.23 -8.78 -1.18
N THR B 117 -24.69 -9.42 -2.23
CA THR B 117 -25.30 -10.62 -2.79
C THR B 117 -24.19 -11.61 -3.13
N ARG B 118 -24.28 -12.82 -2.54
CA ARG B 118 -23.23 -13.84 -2.73
C ARG B 118 -23.75 -15.04 -3.52
N PHE B 119 -22.93 -15.49 -4.48
CA PHE B 119 -23.25 -16.63 -5.33
C PHE B 119 -22.20 -17.69 -5.10
N VAL B 120 -22.61 -18.81 -4.52
CA VAL B 120 -21.68 -19.89 -4.16
C VAL B 120 -21.89 -21.05 -5.10
N THR B 121 -20.81 -21.52 -5.72
CA THR B 121 -20.95 -22.61 -6.70
C THR B 121 -19.80 -23.60 -6.58
N ASN B 122 -19.88 -24.71 -7.33
CA ASN B 122 -18.74 -25.63 -7.45
C ASN B 122 -18.27 -26.14 -6.09
N VAL B 123 -19.22 -26.47 -5.22
CA VAL B 123 -18.90 -27.00 -3.89
C VAL B 123 -18.34 -28.41 -3.99
N THR B 124 -17.19 -28.60 -3.36
CA THR B 124 -16.58 -29.93 -3.27
C THR B 124 -16.11 -30.13 -1.84
N ALA B 125 -16.31 -31.34 -1.31
CA ALA B 125 -15.98 -31.56 0.12
C ALA B 125 -15.28 -32.92 0.28
N ALA B 126 -14.44 -33.03 1.29
CA ALA B 126 -13.84 -34.32 1.64
C ALA B 126 -13.52 -34.36 3.11
N LYS B 127 -13.89 -35.46 3.77
CA LYS B 127 -13.54 -35.67 5.17
C LYS B 127 -12.01 -35.79 5.25
N ASP B 128 -11.38 -35.21 6.28
CA ASP B 128 -9.95 -35.41 6.46
C ASP B 128 -9.67 -36.88 6.76
N LYS B 129 -8.58 -37.40 6.19
CA LYS B 129 -8.25 -38.83 6.37
C LYS B 129 -7.73 -39.19 7.76
N SER B 130 -7.27 -38.18 8.50
N SER B 130 -7.31 -38.17 8.51
CA SER B 130 -6.79 -38.39 9.87
CA SER B 130 -6.75 -38.35 9.85
C SER B 130 -7.85 -37.95 10.87
C SER B 130 -7.69 -37.88 10.95
N ALA B 131 -8.28 -36.71 10.74
CA ALA B 131 -9.21 -36.10 11.67
C ALA B 131 -10.61 -36.12 11.06
N PRO B 132 -11.38 -37.17 11.33
CA PRO B 132 -12.64 -37.25 10.59
C PRO B 132 -13.66 -36.16 10.92
N GLU B 133 -13.48 -35.45 12.05
CA GLU B 133 -14.35 -34.30 12.39
C GLU B 133 -14.04 -33.09 11.53
N ILE B 134 -12.92 -33.14 10.82
CA ILE B 134 -12.50 -32.05 9.92
C ILE B 134 -12.99 -32.31 8.51
N LEU B 135 -13.64 -31.30 7.92
CA LEU B 135 -14.15 -31.37 6.55
C LEU B 135 -13.38 -30.36 5.73
N HIS B 136 -12.74 -30.84 4.66
CA HIS B 136 -12.10 -29.95 3.69
C HIS B 136 -13.16 -29.54 2.71
N VAL B 137 -13.21 -28.24 2.43
CA VAL B 137 -14.25 -27.70 1.56
C VAL B 137 -13.64 -26.72 0.60
N ARG B 138 -14.03 -26.87 -0.67
N ARG B 138 -14.03 -26.83 -0.67
CA ARG B 138 -13.65 -25.94 -1.72
CA ARG B 138 -13.59 -25.89 -1.69
C ARG B 138 -14.95 -25.40 -2.28
C ARG B 138 -14.84 -25.42 -2.42
N SER B 139 -14.98 -24.10 -2.55
CA SER B 139 -16.16 -23.50 -3.22
C SER B 139 -15.77 -22.21 -3.89
N ASN B 140 -16.47 -21.90 -4.98
CA ASN B 140 -16.21 -20.64 -5.69
C ASN B 140 -17.29 -19.62 -5.36
N LEU B 141 -16.88 -18.36 -5.29
CA LEU B 141 -17.77 -17.31 -4.85
C LEU B 141 -17.72 -16.14 -5.82
N ILE B 142 -18.91 -15.65 -6.20
CA ILE B 142 -19.04 -14.30 -6.80
C ILE B 142 -19.74 -13.47 -5.72
N LEU B 143 -19.15 -12.31 -5.40
CA LEU B 143 -19.74 -11.46 -4.36
C LEU B 143 -19.98 -10.11 -5.02
N HIS B 144 -21.25 -9.67 -5.03
CA HIS B 144 -21.65 -8.37 -5.61
C HIS B 144 -21.93 -7.42 -4.45
N ARG B 145 -21.26 -6.27 -4.46
CA ARG B 145 -21.45 -5.26 -3.42
C ARG B 145 -21.90 -3.98 -4.09
N ALA B 146 -23.03 -3.43 -3.66
CA ALA B 146 -23.57 -2.19 -4.26
C ALA B 146 -23.82 -1.17 -3.18
N ARG B 147 -23.45 0.08 -3.47
CA ARG B 147 -23.73 1.18 -2.54
C ARG B 147 -23.74 2.54 -3.23
N ARG B 148 -24.34 3.51 -2.55
CA ARG B 148 -24.17 4.92 -2.93
C ARG B 148 -24.61 5.16 -4.40
N GLU B 149 -25.70 4.50 -4.79
CA GLU B 149 -26.41 4.73 -6.07
C GLU B 149 -25.77 4.08 -7.27
N ASN B 150 -24.48 4.30 -7.46
CA ASN B 150 -23.85 3.77 -8.66
C ASN B 150 -22.52 3.12 -8.46
N GLN B 151 -22.20 2.78 -7.20
CA GLN B 151 -20.98 2.01 -6.95
C GLN B 151 -21.35 0.53 -6.97
N VAL B 152 -20.65 -0.23 -7.82
CA VAL B 152 -20.85 -1.68 -7.88
C VAL B 152 -19.49 -2.36 -7.97
N ASP B 153 -19.24 -3.33 -7.09
CA ASP B 153 -17.97 -4.07 -7.13
C ASP B 153 -18.31 -5.53 -7.12
N VAL B 154 -17.62 -6.28 -7.99
CA VAL B 154 -17.84 -7.73 -8.04
C VAL B 154 -16.53 -8.42 -7.77
N PHE B 155 -16.57 -9.34 -6.80
CA PHE B 155 -15.41 -10.09 -6.35
C PHE B 155 -15.55 -11.54 -6.79
N TYR B 156 -14.42 -12.18 -7.12
CA TYR B 156 -14.41 -13.56 -7.62
C TYR B 156 -13.31 -14.30 -6.86
N ALA B 157 -13.64 -15.44 -6.26
CA ALA B 157 -12.70 -16.14 -5.37
C ALA B 157 -12.99 -17.62 -5.26
N THR B 158 -11.93 -18.37 -4.98
CA THR B 158 -12.06 -19.76 -4.55
C THR B 158 -11.68 -19.84 -3.07
N ARG B 159 -12.62 -20.32 -2.25
CA ARG B 159 -12.37 -20.45 -0.80
C ARG B 159 -11.94 -21.88 -0.50
N GLU B 160 -10.75 -22.01 0.07
CA GLU B 160 -10.23 -23.31 0.47
C GLU B 160 -10.34 -23.39 1.99
N ASP B 161 -11.33 -24.14 2.45
CA ASP B 161 -11.70 -24.16 3.87
C ASP B 161 -11.42 -25.47 4.58
N LYS B 162 -11.20 -25.36 5.89
CA LYS B 162 -11.35 -26.51 6.79
C LYS B 162 -12.45 -26.13 7.77
N TRP B 163 -13.45 -27.00 7.87
CA TRP B 163 -14.56 -26.84 8.82
C TRP B 163 -14.47 -27.96 9.83
N LYS B 164 -15.05 -27.76 11.02
CA LYS B 164 -14.97 -28.77 12.08
C LYS B 164 -16.36 -29.05 12.62
N ARG B 165 -16.71 -30.33 12.74
CA ARG B 165 -17.95 -30.71 13.43
C ARG B 165 -17.85 -30.46 14.93
N ILE B 166 -18.93 -29.94 15.52
CA ILE B 166 -18.98 -29.56 16.92
C ILE B 166 -19.89 -30.54 17.65
N GLU B 167 -19.57 -30.88 18.89
CA GLU B 167 -20.53 -31.62 19.75
C GLU B 167 -21.88 -30.90 19.78
N GLY B 168 -22.96 -31.62 19.49
CA GLY B 168 -24.27 -30.98 19.34
C GLY B 168 -24.79 -30.86 17.92
N GLY B 169 -23.89 -30.92 16.93
CA GLY B 169 -24.30 -30.97 15.53
C GLY B 169 -23.89 -29.83 14.62
N GLY B 170 -23.45 -28.72 15.21
CA GLY B 170 -22.98 -27.58 14.44
C GLY B 170 -21.69 -27.88 13.66
N ILE B 171 -21.34 -26.96 12.75
CA ILE B 171 -20.10 -27.08 11.99
C ILE B 171 -19.53 -25.68 11.91
N LYS B 172 -18.25 -25.54 12.28
CA LYS B 172 -17.62 -24.22 12.37
C LYS B 172 -16.34 -24.14 11.56
N LEU B 173 -16.09 -22.96 11.01
CA LEU B 173 -14.93 -22.71 10.18
C LEU B 173 -13.65 -22.65 11.02
N VAL B 174 -12.66 -23.48 10.71
N VAL B 174 -12.68 -23.49 10.69
CA VAL B 174 -11.37 -23.40 11.42
CA VAL B 174 -11.37 -23.49 11.37
C VAL B 174 -10.28 -22.76 10.55
C VAL B 174 -10.32 -22.75 10.55
N GLU B 175 -10.42 -22.85 9.23
CA GLU B 175 -9.50 -22.13 8.34
C GLU B 175 -10.21 -21.78 7.05
N ARG B 176 -10.04 -20.54 6.60
CA ARG B 176 -10.40 -20.19 5.22
C ARG B 176 -9.18 -19.57 4.59
N PHE B 177 -8.84 -20.07 3.41
CA PHE B 177 -7.73 -19.51 2.62
C PHE B 177 -8.22 -19.14 1.23
N VAL B 178 -7.91 -17.91 0.82
CA VAL B 178 -8.20 -17.44 -0.54
C VAL B 178 -6.93 -16.87 -1.17
N ASP B 179 -6.57 -17.40 -2.34
CA ASP B 179 -5.48 -16.83 -3.12
C ASP B 179 -6.20 -15.91 -4.12
N TYR B 180 -6.26 -14.60 -3.82
CA TYR B 180 -7.17 -13.73 -4.58
C TYR B 180 -6.70 -13.60 -6.04
N PRO B 181 -7.58 -13.89 -7.03
CA PRO B 181 -7.07 -14.05 -8.41
C PRO B 181 -6.62 -12.80 -9.16
N GLU B 182 -7.08 -11.62 -8.74
CA GLU B 182 -6.67 -10.36 -9.37
C GLU B 182 -5.59 -9.72 -8.51
N ARG B 183 -4.41 -9.52 -9.09
CA ARG B 183 -3.30 -8.96 -8.32
C ARG B 183 -3.61 -7.55 -7.83
N ILE B 184 -4.21 -6.75 -8.72
CA ILE B 184 -4.62 -5.37 -8.38
C ILE B 184 -6.14 -5.27 -8.58
N PRO B 185 -6.90 -5.57 -7.52
CA PRO B 185 -8.36 -5.46 -7.66
C PRO B 185 -8.79 -4.02 -7.99
N GLN B 186 -9.80 -3.89 -8.83
CA GLN B 186 -10.28 -2.58 -9.27
C GLN B 186 -11.64 -2.34 -8.61
N THR B 187 -11.66 -2.53 -7.29
CA THR B 187 -12.88 -2.58 -6.51
C THR B 187 -12.89 -1.59 -5.36
N HIS B 188 -11.99 -0.59 -5.39
CA HIS B 188 -11.82 0.43 -4.32
C HIS B 188 -11.12 -0.14 -3.08
N ASN B 189 -11.61 -1.29 -2.62
CA ASN B 189 -11.04 -2.00 -1.48
C ASN B 189 -11.52 -3.46 -1.54
N LEU B 190 -11.00 -4.29 -0.65
CA LEU B 190 -11.45 -5.68 -0.53
C LEU B 190 -12.04 -5.94 0.86
N LEU B 191 -12.73 -4.93 1.40
CA LEU B 191 -13.30 -5.02 2.75
C LEU B 191 -14.62 -5.78 2.75
N VAL B 192 -14.55 -7.04 2.34
CA VAL B 192 -15.69 -7.95 2.31
C VAL B 192 -15.25 -9.28 2.90
N PHE B 193 -16.19 -9.99 3.54
CA PHE B 193 -15.86 -11.34 4.00
C PHE B 193 -16.08 -12.31 2.85
N LEU B 194 -14.99 -12.78 2.25
CA LEU B 194 -15.04 -13.87 1.26
C LEU B 194 -15.22 -15.22 1.95
#